data_5XKN
#
_entry.id   5XKN
#
_cell.length_a   108.995
_cell.length_b   112.330
_cell.length_c   175.368
_cell.angle_alpha   90.00
_cell.angle_beta   90.00
_cell.angle_gamma   90.00
#
_symmetry.space_group_name_H-M   'P 21 21 21'
#
loop_
_entity.id
_entity.type
_entity.pdbx_description
1 polymer 'EPIDERMAL PATTERNING FACTOR-like protein 4'
2 polymer 'LRR receptor-like serine/threonine-protein kinase ERL2'
#
loop_
_entity_poly.entity_id
_entity_poly.type
_entity_poly.pdbx_seq_one_letter_code
_entity_poly.pdbx_strand_id
1 'polypeptide(L)' PGSSPPTCRSKCGKCQPCKPVHVPIQPGLSMPLEYYPEAWRCKCGNKLFMP E,F
2 'polypeptide(L)'
;NEGKALMAIKASFSNVANMLLDWDDVHNHDFCSWRGVFCDNVSLNVVSLNLSNLNLGGEISSALGDLMNLQSIDLQGNKL
GGQIPDEIGNCVSLAYVDFSTNLLFGDIPFSISKLKQLEFLNLKNNQLTGPIPATLTQIPNLKTLDLARNQLTGEIPRLL
YWNEVLQYLGLRGNMLTGTLSPDMCQLTGLWYFDVRGNNLTGTIPESIGNCTSFEILDVSYNQITGVIPYNIGFLQVATL
SLQGNKLTGRIPEVIGLMQALAVLDLSDNELTGPIPPILGNLSFTGKLYLHGNKLTGQIPPELGNMSRLSYLQLNDNELV
GKIPPELGKLEQLFELNLANNNLVGLIPSNISSCAALNQFNVHGNFLSGAVPLEFRNLGSLTYLNLSSNSFKGKIPAELG
HIINLDTLDLSGNNFSGSIPLTLGDLEHLLILNLSRNHLNGTLPAEFGNLRSIQIIDVSFNFLAGVIPTELGQLQNINSL
ILNNNKIHGKIPDQLTNCFSLANLNISFNNLSGIIPPMKNFTRFSPASFFGNPFLCGNWVGSICGPHHHHHH
;
A,B
#
# COMPACT_ATOMS: atom_id res chain seq x y z
N PRO A 1 -15.42 3.78 40.31
CA PRO A 1 -14.65 2.59 39.94
C PRO A 1 -14.73 2.27 38.45
N GLY A 2 -13.77 2.76 37.68
CA GLY A 2 -13.78 2.56 36.24
C GLY A 2 -12.95 3.61 35.53
N SER A 3 -12.95 3.52 34.20
CA SER A 3 -12.21 4.47 33.37
C SER A 3 -12.90 4.58 32.01
N SER A 4 -12.52 5.61 31.26
CA SER A 4 -13.18 5.97 30.02
C SER A 4 -12.22 6.83 29.19
N PRO A 5 -12.30 6.77 27.87
CA PRO A 5 -11.31 7.45 27.01
C PRO A 5 -11.65 8.92 26.81
N PRO A 6 -10.74 9.71 26.22
CA PRO A 6 -10.94 11.15 26.12
C PRO A 6 -11.69 11.59 24.86
N THR A 7 -12.03 12.90 24.83
CA THR A 7 -12.93 13.48 23.82
C THR A 7 -12.43 14.86 23.39
N CYS A 8 -11.39 14.90 22.56
CA CYS A 8 -10.87 16.19 22.13
C CYS A 8 -11.65 16.70 20.92
N LYS A 19 -12.65 12.03 17.51
CA LYS A 19 -11.40 12.66 17.08
C LYS A 19 -10.23 12.08 17.85
N PRO A 20 -10.50 11.29 18.88
CA PRO A 20 -9.52 10.65 19.77
C PRO A 20 -8.86 9.50 19.08
N VAL A 21 -7.69 9.06 19.53
CA VAL A 21 -6.99 7.94 18.91
C VAL A 21 -5.91 7.42 19.85
N HIS A 22 -5.32 6.26 19.60
CA HIS A 22 -4.27 5.79 20.52
C HIS A 22 -3.00 5.48 19.74
N VAL A 23 -1.88 5.99 20.24
CA VAL A 23 -0.64 6.13 19.47
C VAL A 23 0.51 5.38 20.15
N PRO A 24 1.37 4.73 19.37
CA PRO A 24 2.63 4.20 19.92
C PRO A 24 3.70 5.27 20.05
N ILE A 25 4.44 5.22 21.15
CA ILE A 25 5.57 6.12 21.39
C ILE A 25 6.83 5.27 21.48
N GLN A 26 7.77 5.50 20.56
CA GLN A 26 8.90 4.61 20.34
C GLN A 26 10.11 5.05 21.17
N PRO A 27 10.54 4.27 22.17
CA PRO A 27 11.74 4.55 22.97
C PRO A 27 12.99 3.85 22.42
N GLU A 34 9.06 -7.40 21.85
CA GLU A 34 8.85 -6.02 22.26
C GLU A 34 7.96 -5.30 21.25
N TYR A 35 7.20 -4.33 21.76
CA TYR A 35 6.35 -3.49 20.93
C TYR A 35 6.39 -2.09 21.51
N TYR A 36 5.49 -1.24 21.06
CA TYR A 36 5.51 0.11 21.58
C TYR A 36 4.36 0.31 22.57
N PRO A 37 4.58 1.01 23.68
CA PRO A 37 3.47 1.29 24.60
C PRO A 37 2.60 2.43 24.06
N GLU A 38 1.29 2.24 24.09
CA GLU A 38 0.35 3.14 23.43
C GLU A 38 -0.29 4.08 24.45
N ALA A 39 -0.39 5.35 24.10
CA ALA A 39 -1.02 6.36 24.94
C ALA A 39 -2.10 7.09 24.14
N TRP A 40 -3.06 7.67 24.85
CA TRP A 40 -4.19 8.35 24.23
C TRP A 40 -3.79 9.73 23.72
N ARG A 41 -4.08 10.01 22.45
CA ARG A 41 -3.86 11.33 21.87
C ARG A 41 -4.89 11.56 20.78
N CYS A 42 -5.48 12.75 20.77
CA CYS A 42 -6.57 13.04 19.84
C CYS A 42 -6.05 13.81 18.63
N LYS A 43 -6.24 13.24 17.44
CA LYS A 43 -6.02 13.93 16.18
C LYS A 43 -7.31 13.94 15.38
N CYS A 44 -7.63 15.09 14.80
CA CYS A 44 -8.68 15.11 13.79
C CYS A 44 -8.07 14.60 12.48
N GLY A 45 -8.74 14.85 11.36
CA GLY A 45 -8.14 14.49 10.08
C GLY A 45 -6.76 15.11 9.90
N ASN A 46 -6.59 16.34 10.42
CA ASN A 46 -5.29 16.98 10.43
C ASN A 46 -4.32 16.20 11.30
N LYS A 47 -3.11 16.07 10.78
CA LYS A 47 -2.08 15.25 11.39
C LYS A 47 -1.51 15.77 12.69
N LEU A 48 -2.31 16.54 13.42
CA LEU A 48 -1.82 17.07 14.69
C LEU A 48 -2.17 16.11 15.81
N PHE A 49 -1.94 16.50 17.06
CA PHE A 49 -2.27 15.53 18.10
C PHE A 49 -2.22 16.23 19.44
N MET A 50 -3.28 16.12 20.26
CA MET A 50 -3.29 16.76 21.59
C MET A 50 -4.25 16.10 22.58
N ASN B 1 38.55 15.65 -37.87
CA ASN B 1 37.87 16.69 -38.64
C ASN B 1 36.36 16.60 -38.44
N GLU B 2 35.88 15.45 -37.97
CA GLU B 2 34.50 15.37 -37.50
C GLU B 2 34.27 16.27 -36.30
N GLY B 3 35.34 16.63 -35.57
CA GLY B 3 35.20 17.63 -34.53
C GLY B 3 34.71 18.96 -35.05
N LYS B 4 35.14 19.34 -36.25
CA LYS B 4 34.67 20.58 -36.86
C LYS B 4 33.14 20.57 -37.01
N ALA B 5 32.60 19.47 -37.54
CA ALA B 5 31.16 19.37 -37.69
C ALA B 5 30.47 19.32 -36.34
N LEU B 6 31.12 18.73 -35.33
CA LEU B 6 30.56 18.75 -33.99
C LEU B 6 30.48 20.18 -33.45
N MET B 7 31.47 21.02 -33.80
CA MET B 7 31.45 22.41 -33.36
C MET B 7 30.31 23.17 -34.03
N ALA B 8 30.19 23.03 -35.35
CA ALA B 8 29.09 23.67 -36.05
C ALA B 8 27.74 23.13 -35.59
N ILE B 9 27.78 21.94 -35.03
CA ILE B 9 26.57 21.33 -34.55
C ILE B 9 26.21 22.04 -33.26
N LYS B 10 27.20 22.30 -32.43
CA LYS B 10 26.91 22.99 -31.18
C LYS B 10 26.74 24.47 -31.38
N ALA B 11 27.27 25.01 -32.47
CA ALA B 11 27.15 26.42 -32.74
C ALA B 11 25.68 26.76 -32.82
N SER B 12 24.96 26.14 -33.75
CA SER B 12 23.56 26.43 -33.85
C SER B 12 22.81 25.51 -32.89
N PHE B 13 23.03 25.70 -31.59
CA PHE B 13 22.36 24.88 -30.60
C PHE B 13 21.72 25.76 -29.53
N SER B 14 21.18 25.18 -28.47
CA SER B 14 20.56 25.94 -27.38
C SER B 14 21.62 26.49 -26.43
N ASN B 15 21.27 27.30 -25.45
CA ASN B 15 22.36 27.78 -24.61
C ASN B 15 22.74 26.59 -23.77
N VAL B 16 23.53 25.75 -24.41
CA VAL B 16 24.00 24.50 -23.87
C VAL B 16 25.29 24.67 -23.12
N ALA B 17 26.03 25.71 -23.53
CA ALA B 17 27.31 26.12 -22.99
C ALA B 17 27.29 25.64 -21.58
N ASN B 18 26.08 25.55 -21.07
CA ASN B 18 25.82 25.04 -19.74
C ASN B 18 26.25 23.60 -19.56
N MET B 19 25.49 22.70 -20.16
CA MET B 19 25.71 21.27 -19.99
C MET B 19 26.57 20.52 -20.99
N LEU B 20 26.82 21.06 -22.17
CA LEU B 20 27.66 20.34 -23.11
C LEU B 20 29.05 20.29 -22.51
N LEU B 21 29.39 19.18 -21.86
CA LEU B 21 30.68 19.06 -21.21
C LEU B 21 31.85 19.18 -22.16
N ASP B 22 32.28 20.41 -22.32
CA ASP B 22 33.44 20.84 -23.13
C ASP B 22 33.70 20.47 -24.60
N TRP B 23 32.83 20.86 -25.52
CA TRP B 23 33.19 20.61 -26.88
C TRP B 23 33.96 21.87 -27.25
N ASP B 24 35.11 21.75 -27.91
CA ASP B 24 35.91 22.93 -28.17
C ASP B 24 37.05 22.58 -29.12
N ASP B 25 37.34 23.50 -30.04
CA ASP B 25 38.50 23.40 -30.92
C ASP B 25 39.65 24.25 -30.41
N VAL B 26 39.62 24.62 -29.14
CA VAL B 26 40.67 25.45 -28.56
C VAL B 26 41.77 24.52 -28.07
N HIS B 27 41.53 23.82 -26.96
CA HIS B 27 42.52 22.85 -26.51
C HIS B 27 42.10 21.42 -26.87
N ASN B 28 41.03 20.92 -26.23
CA ASN B 28 40.70 19.51 -26.34
C ASN B 28 40.38 19.11 -27.77
N HIS B 29 41.31 18.40 -28.40
CA HIS B 29 41.13 17.84 -29.73
C HIS B 29 40.76 16.37 -29.65
N ASP B 30 40.26 15.93 -28.51
CA ASP B 30 39.84 14.55 -28.26
C ASP B 30 38.33 14.57 -28.08
N PHE B 31 37.62 14.40 -29.20
CA PHE B 31 36.16 14.43 -29.19
C PHE B 31 35.53 13.06 -28.99
N CYS B 32 36.27 12.06 -28.49
CA CYS B 32 35.66 10.79 -28.10
C CYS B 32 35.48 10.67 -26.60
N SER B 33 35.82 11.72 -25.85
CA SER B 33 35.50 11.78 -24.43
C SER B 33 34.43 12.80 -24.12
N TRP B 34 33.88 13.49 -25.12
CA TRP B 34 32.95 14.58 -24.87
C TRP B 34 31.58 14.02 -24.46
N ARG B 35 30.85 14.83 -23.68
CA ARG B 35 29.56 14.40 -23.17
C ARG B 35 28.64 14.02 -24.32
N GLY B 36 28.06 12.84 -24.21
CA GLY B 36 27.02 12.40 -25.12
C GLY B 36 27.49 11.85 -26.44
N VAL B 37 28.76 12.04 -26.83
CA VAL B 37 29.28 11.56 -28.10
C VAL B 37 30.19 10.37 -27.81
N PHE B 38 29.86 9.24 -28.43
CA PHE B 38 30.58 7.98 -28.27
C PHE B 38 31.36 7.68 -29.54
N CYS B 39 32.59 7.20 -29.38
CA CYS B 39 33.35 6.64 -30.49
C CYS B 39 33.56 5.14 -30.26
N ASP B 40 33.73 4.40 -31.36
CA ASP B 40 33.99 2.98 -31.29
C ASP B 40 35.45 2.69 -30.94
N ASN B 41 35.70 1.46 -30.48
CA ASN B 41 37.04 1.06 -30.06
C ASN B 41 38.06 1.12 -31.19
N VAL B 42 37.62 1.00 -32.44
CA VAL B 42 38.55 0.74 -33.55
C VAL B 42 39.13 2.03 -34.12
N SER B 43 38.34 2.77 -34.89
CA SER B 43 38.85 3.87 -35.70
C SER B 43 38.67 5.24 -35.03
N LEU B 44 38.13 5.28 -33.81
CA LEU B 44 37.88 6.52 -33.07
C LEU B 44 37.17 7.56 -33.91
N ASN B 45 35.98 7.19 -34.38
CA ASN B 45 35.04 8.12 -35.00
C ASN B 45 33.67 7.89 -34.39
N VAL B 46 32.83 8.92 -34.48
CA VAL B 46 31.55 8.94 -33.79
C VAL B 46 30.68 7.79 -34.27
N VAL B 47 30.11 7.03 -33.32
CA VAL B 47 29.23 5.91 -33.61
C VAL B 47 27.86 6.10 -32.98
N SER B 48 27.81 6.51 -31.71
CA SER B 48 26.56 6.69 -30.99
C SER B 48 26.60 8.06 -30.34
N LEU B 49 25.44 8.72 -30.27
CA LEU B 49 25.34 10.09 -29.78
C LEU B 49 24.09 10.18 -28.92
N ASN B 50 24.26 10.32 -27.61
CA ASN B 50 23.14 10.38 -26.69
C ASN B 50 23.17 11.72 -25.99
N LEU B 51 22.37 12.66 -26.49
CA LEU B 51 22.15 13.95 -25.85
C LEU B 51 20.73 14.03 -25.29
N SER B 52 20.20 12.88 -24.88
CA SER B 52 18.79 12.73 -24.56
C SER B 52 18.41 13.56 -23.34
N ASN B 53 17.36 14.37 -23.51
CA ASN B 53 16.66 15.02 -22.40
C ASN B 53 17.57 16.00 -21.66
N LEU B 54 18.20 16.90 -22.42
CA LEU B 54 19.04 17.94 -21.83
C LEU B 54 18.46 19.34 -21.96
N ASN B 55 17.37 19.51 -22.72
CA ASN B 55 16.77 20.82 -22.99
C ASN B 55 17.81 21.78 -23.57
N LEU B 56 18.24 21.44 -24.78
CA LEU B 56 19.25 22.21 -25.48
C LEU B 56 18.65 23.19 -26.50
N GLY B 57 17.33 23.17 -26.68
CA GLY B 57 16.54 24.23 -27.28
C GLY B 57 17.05 25.01 -28.48
N GLY B 58 17.83 24.38 -29.36
CA GLY B 58 18.31 25.02 -30.56
C GLY B 58 17.68 24.46 -31.82
N GLU B 59 18.38 24.65 -32.95
CA GLU B 59 18.06 23.99 -34.20
C GLU B 59 19.09 22.90 -34.50
N ILE B 60 18.69 21.96 -35.35
CA ILE B 60 19.60 20.94 -35.83
C ILE B 60 20.43 21.53 -36.95
N SER B 61 21.72 21.72 -36.70
CA SER B 61 22.56 22.40 -37.68
C SER B 61 22.84 21.48 -38.86
N SER B 62 23.19 22.10 -39.99
CA SER B 62 23.42 21.34 -41.22
C SER B 62 24.65 20.45 -41.11
N ALA B 63 25.63 20.84 -40.29
CA ALA B 63 26.90 20.10 -40.22
C ALA B 63 26.72 18.63 -39.86
N LEU B 64 25.52 18.21 -39.44
CA LEU B 64 25.25 16.80 -39.22
C LEU B 64 25.59 15.96 -40.44
N GLY B 65 25.51 16.54 -41.63
CA GLY B 65 25.84 15.80 -42.83
C GLY B 65 27.30 15.37 -42.91
N ASP B 66 28.19 16.06 -42.19
CA ASP B 66 29.61 15.75 -42.25
C ASP B 66 30.02 14.57 -41.39
N LEU B 67 29.23 14.20 -40.37
CA LEU B 67 29.56 13.06 -39.51
C LEU B 67 29.20 11.76 -40.22
N MET B 68 30.20 11.10 -40.77
CA MET B 68 30.01 9.93 -41.62
C MET B 68 29.86 8.64 -40.83
N ASN B 69 30.80 8.34 -39.93
CA ASN B 69 30.67 7.11 -39.15
C ASN B 69 29.53 7.15 -38.15
N LEU B 70 28.81 8.27 -38.07
CA LEU B 70 27.67 8.38 -37.17
C LEU B 70 26.65 7.29 -37.46
N GLN B 71 26.32 6.51 -36.43
CA GLN B 71 25.32 5.46 -36.52
C GLN B 71 24.03 5.80 -35.80
N SER B 72 24.09 6.39 -34.62
CA SER B 72 22.91 6.63 -33.79
C SER B 72 22.90 8.06 -33.28
N ILE B 73 21.77 8.75 -33.45
CA ILE B 73 21.58 10.10 -32.93
C ILE B 73 20.33 10.12 -32.06
N ASP B 74 20.51 10.50 -30.80
CA ASP B 74 19.43 10.71 -29.84
C ASP B 74 19.46 12.18 -29.41
N LEU B 75 18.54 12.97 -29.96
CA LEU B 75 18.38 14.37 -29.58
C LEU B 75 17.09 14.58 -28.80
N GLN B 76 16.56 13.51 -28.20
CA GLN B 76 15.24 13.50 -27.59
C GLN B 76 15.15 14.45 -26.40
N GLY B 77 14.05 15.21 -26.36
CA GLY B 77 13.69 15.94 -25.16
C GLY B 77 14.43 17.23 -24.95
N ASN B 78 15.03 17.80 -25.98
CA ASN B 78 15.87 18.98 -25.85
C ASN B 78 15.17 20.26 -26.24
N LYS B 79 13.85 20.23 -26.43
CA LYS B 79 13.07 21.40 -26.82
C LYS B 79 13.65 22.05 -28.09
N LEU B 80 14.16 21.22 -29.00
CA LEU B 80 14.85 21.69 -30.19
C LEU B 80 13.87 22.24 -31.22
N GLY B 81 14.38 23.11 -32.09
CA GLY B 81 13.57 23.76 -33.12
C GLY B 81 14.10 23.66 -34.53
N GLY B 82 13.49 24.39 -35.46
CA GLY B 82 13.83 24.33 -36.85
C GLY B 82 13.20 23.11 -37.51
N GLN B 83 13.51 22.93 -38.79
CA GLN B 83 13.17 21.71 -39.48
C GLN B 83 14.38 20.76 -39.47
N ILE B 84 14.17 19.57 -39.99
CA ILE B 84 15.24 18.59 -40.14
C ILE B 84 15.98 18.92 -41.43
N PRO B 85 17.24 19.33 -41.36
CA PRO B 85 17.96 19.75 -42.56
C PRO B 85 18.03 18.64 -43.59
N ASP B 86 17.96 19.02 -44.87
CA ASP B 86 17.99 18.04 -45.95
C ASP B 86 19.29 17.25 -45.94
N GLU B 87 20.39 17.88 -45.53
CA GLU B 87 21.72 17.30 -45.58
C GLU B 87 21.90 16.11 -44.63
N ILE B 88 20.88 15.75 -43.85
CA ILE B 88 20.93 14.48 -43.13
C ILE B 88 21.01 13.32 -44.10
N GLY B 89 20.54 13.50 -45.33
CA GLY B 89 20.63 12.46 -46.34
C GLY B 89 22.05 12.15 -46.79
N ASN B 90 23.04 12.61 -46.04
CA ASN B 90 24.45 12.34 -46.34
C ASN B 90 24.96 11.09 -45.61
N CYS B 91 24.91 11.09 -44.28
CA CYS B 91 25.46 10.00 -43.49
C CYS B 91 24.64 8.72 -43.68
N VAL B 92 25.05 7.88 -44.64
CA VAL B 92 24.35 6.63 -44.90
C VAL B 92 24.57 5.60 -43.80
N SER B 93 25.61 5.77 -42.97
CA SER B 93 25.83 4.88 -41.84
C SER B 93 24.76 4.99 -40.77
N LEU B 94 23.88 6.00 -40.86
CA LEU B 94 22.93 6.27 -39.78
C LEU B 94 21.96 5.10 -39.61
N ALA B 95 21.72 4.73 -38.35
CA ALA B 95 20.89 3.57 -38.03
C ALA B 95 19.72 3.91 -37.12
N TYR B 96 19.94 4.67 -36.05
CA TYR B 96 18.93 4.96 -35.04
C TYR B 96 18.75 6.47 -34.98
N VAL B 97 17.52 6.94 -35.17
CA VAL B 97 17.23 8.37 -35.09
C VAL B 97 16.06 8.59 -34.15
N ASP B 98 16.34 9.22 -33.00
CA ASP B 98 15.30 9.57 -32.03
C ASP B 98 15.26 11.08 -31.87
N PHE B 99 14.30 11.73 -32.53
CA PHE B 99 14.00 13.14 -32.34
C PHE B 99 12.77 13.33 -31.46
N SER B 100 12.52 12.39 -30.55
CA SER B 100 11.33 12.41 -29.70
C SER B 100 11.24 13.71 -28.90
N THR B 101 10.01 14.12 -28.63
CA THR B 101 9.68 15.24 -27.73
C THR B 101 10.58 16.45 -28.00
N ASN B 102 10.59 16.87 -29.24
CA ASN B 102 11.20 18.13 -29.64
C ASN B 102 10.13 19.00 -30.28
N LEU B 103 10.54 20.09 -30.90
CA LEU B 103 9.63 20.97 -31.63
C LEU B 103 10.22 21.22 -33.03
N LEU B 104 10.04 20.25 -33.94
CA LEU B 104 10.50 20.37 -35.31
C LEU B 104 9.30 20.42 -36.23
N PHE B 105 9.38 21.24 -37.27
CA PHE B 105 8.31 21.43 -38.23
C PHE B 105 8.83 21.16 -39.65
N GLY B 106 7.98 21.41 -40.64
CA GLY B 106 8.35 21.27 -42.02
C GLY B 106 8.35 19.83 -42.49
N ASP B 107 8.48 19.68 -43.82
CA ASP B 107 8.44 18.35 -44.41
C ASP B 107 9.63 17.52 -43.95
N ILE B 108 9.39 16.22 -43.84
CA ILE B 108 10.49 15.26 -43.66
C ILE B 108 11.23 15.20 -44.98
N PRO B 109 12.54 15.52 -45.01
CA PRO B 109 13.24 15.63 -46.29
C PRO B 109 13.14 14.34 -47.10
N PHE B 110 13.23 14.48 -48.42
CA PHE B 110 13.31 13.30 -49.27
C PHE B 110 14.64 12.58 -49.11
N SER B 111 15.68 13.33 -48.71
CA SER B 111 17.02 12.76 -48.56
C SER B 111 17.06 11.65 -47.52
N ILE B 112 16.02 11.56 -46.68
CA ILE B 112 15.92 10.48 -45.68
C ILE B 112 16.02 9.12 -46.37
N SER B 113 15.63 9.04 -47.64
CA SER B 113 15.68 7.77 -48.35
C SER B 113 17.10 7.23 -48.50
N LYS B 114 18.10 8.11 -48.54
CA LYS B 114 19.47 7.68 -48.82
C LYS B 114 20.13 6.93 -47.67
N LEU B 115 19.43 6.65 -46.58
CA LEU B 115 20.01 5.96 -45.42
C LEU B 115 19.60 4.49 -45.45
N LYS B 116 20.47 3.66 -46.03
CA LYS B 116 20.15 2.24 -46.22
C LYS B 116 20.15 1.49 -44.91
N GLN B 117 21.06 1.81 -44.01
CA GLN B 117 21.21 1.07 -42.76
C GLN B 117 20.20 1.48 -41.71
N LEU B 118 19.28 2.39 -42.03
CA LEU B 118 18.40 2.97 -41.02
C LEU B 118 17.24 2.02 -40.75
N GLU B 119 17.12 1.56 -39.50
CA GLU B 119 16.07 0.64 -39.11
C GLU B 119 15.15 1.18 -38.02
N PHE B 120 15.45 2.33 -37.43
CA PHE B 120 14.62 2.89 -36.36
C PHE B 120 14.49 4.39 -36.58
N LEU B 121 13.26 4.84 -36.81
CA LEU B 121 12.99 6.26 -37.00
C LEU B 121 11.84 6.65 -36.10
N ASN B 122 12.13 7.50 -35.12
CA ASN B 122 11.13 8.00 -34.19
C ASN B 122 11.09 9.52 -34.29
N LEU B 123 9.94 10.04 -34.72
CA LEU B 123 9.73 11.47 -34.81
C LEU B 123 8.53 11.92 -33.97
N LYS B 124 8.13 11.11 -32.99
CA LYS B 124 6.92 11.41 -32.23
C LYS B 124 7.12 12.66 -31.38
N ASN B 125 6.03 13.38 -31.16
CA ASN B 125 5.99 14.61 -30.38
C ASN B 125 6.83 15.70 -31.06
N ASN B 126 6.31 16.15 -32.20
CA ASN B 126 6.89 17.26 -32.94
C ASN B 126 5.78 17.96 -33.71
N GLN B 127 6.14 19.05 -34.39
CA GLN B 127 5.21 19.88 -35.12
C GLN B 127 5.31 19.67 -36.64
N LEU B 128 5.94 18.57 -37.07
CA LEU B 128 6.26 18.37 -38.47
C LEU B 128 5.01 18.34 -39.33
N THR B 129 5.07 19.05 -40.47
CA THR B 129 4.00 19.10 -41.45
C THR B 129 4.45 18.30 -42.68
N GLY B 130 3.65 18.38 -43.74
CA GLY B 130 3.96 17.69 -44.99
C GLY B 130 3.29 16.33 -45.02
N PRO B 131 3.56 15.55 -46.05
CA PRO B 131 3.00 14.21 -46.12
C PRO B 131 4.00 13.18 -45.61
N ILE B 132 3.63 11.91 -45.65
CA ILE B 132 4.57 10.83 -45.39
C ILE B 132 5.29 10.58 -46.72
N PRO B 133 6.56 10.98 -46.86
CA PRO B 133 7.25 10.82 -48.15
C PRO B 133 7.23 9.37 -48.61
N ALA B 134 6.71 9.15 -49.81
CA ALA B 134 6.58 7.81 -50.38
C ALA B 134 7.93 7.15 -50.61
N THR B 135 9.02 7.88 -50.43
CA THR B 135 10.37 7.37 -50.67
C THR B 135 10.93 6.62 -49.46
N LEU B 136 10.05 6.23 -48.53
CA LEU B 136 10.46 5.56 -47.31
C LEU B 136 10.36 4.03 -47.38
N THR B 137 9.61 3.49 -48.34
CA THR B 137 9.71 2.06 -48.59
C THR B 137 10.94 1.73 -49.41
N GLN B 138 11.69 2.74 -49.84
CA GLN B 138 12.99 2.51 -50.46
C GLN B 138 14.00 2.00 -49.44
N ILE B 139 13.87 2.43 -48.18
CA ILE B 139 14.77 1.96 -47.13
C ILE B 139 14.39 0.52 -46.80
N PRO B 140 15.31 -0.42 -46.96
CA PRO B 140 14.96 -1.84 -46.80
C PRO B 140 15.04 -2.33 -45.36
N ASN B 141 15.81 -1.63 -44.53
CA ASN B 141 16.12 -2.07 -43.18
C ASN B 141 15.12 -1.63 -42.13
N LEU B 142 14.13 -0.82 -42.50
CA LEU B 142 13.26 -0.16 -41.53
C LEU B 142 12.40 -1.16 -40.78
N LYS B 143 12.49 -1.17 -39.45
CA LYS B 143 11.66 -1.99 -38.59
C LYS B 143 10.62 -1.18 -37.82
N THR B 144 11.02 -0.05 -37.25
CA THR B 144 10.15 0.75 -36.39
C THR B 144 10.00 2.16 -36.96
N LEU B 145 8.76 2.54 -37.27
CA LEU B 145 8.44 3.89 -37.74
C LEU B 145 7.40 4.48 -36.81
N ASP B 146 7.81 5.50 -36.05
CA ASP B 146 6.92 6.19 -35.12
C ASP B 146 6.83 7.66 -35.52
N LEU B 147 5.71 8.04 -36.13
CA LEU B 147 5.44 9.42 -36.48
C LEU B 147 4.30 10.01 -35.66
N ALA B 148 3.89 9.33 -34.58
CA ALA B 148 2.69 9.71 -33.85
C ALA B 148 2.79 11.11 -33.28
N ARG B 149 1.62 11.72 -33.07
CA ARG B 149 1.48 13.07 -32.51
C ARG B 149 2.33 14.07 -33.29
N ASN B 150 1.92 14.25 -34.54
CA ASN B 150 2.42 15.29 -35.42
C ASN B 150 1.22 15.81 -36.22
N GLN B 151 1.49 16.59 -37.27
CA GLN B 151 0.46 17.02 -38.22
C GLN B 151 0.92 16.67 -39.61
N LEU B 152 0.77 15.40 -39.99
CA LEU B 152 1.05 14.98 -41.35
C LEU B 152 -0.25 14.82 -42.12
N THR B 153 -0.12 14.83 -43.43
CA THR B 153 -1.28 14.91 -44.32
C THR B 153 -1.16 13.88 -45.42
N GLY B 154 -2.21 13.79 -46.22
CA GLY B 154 -2.23 12.87 -47.34
C GLY B 154 -2.44 11.45 -46.88
N GLU B 155 -2.66 10.58 -47.86
CA GLU B 155 -2.98 9.20 -47.55
C GLU B 155 -1.73 8.49 -47.00
N ILE B 156 -1.94 7.28 -46.52
CA ILE B 156 -0.85 6.39 -46.15
C ILE B 156 -0.25 5.81 -47.44
N PRO B 157 1.06 5.95 -47.64
CA PRO B 157 1.68 5.41 -48.86
C PRO B 157 1.40 3.92 -49.01
N ARG B 158 0.86 3.57 -50.18
CA ARG B 158 0.42 2.21 -50.42
C ARG B 158 1.59 1.23 -50.45
N LEU B 159 2.74 1.67 -50.97
CA LEU B 159 3.87 0.75 -51.11
C LEU B 159 4.44 0.35 -49.75
N LEU B 160 4.30 1.21 -48.74
CA LEU B 160 4.83 0.90 -47.41
C LEU B 160 4.22 -0.39 -46.87
N TYR B 161 2.91 -0.59 -47.10
CA TYR B 161 2.24 -1.77 -46.57
C TYR B 161 2.91 -3.06 -47.00
N TRP B 162 3.72 -3.01 -48.06
CA TRP B 162 4.48 -4.18 -48.52
C TRP B 162 5.87 -4.10 -47.93
N ASN B 163 5.97 -4.63 -46.72
CA ASN B 163 7.23 -4.72 -45.99
C ASN B 163 7.10 -5.89 -45.04
N GLU B 164 7.95 -6.90 -45.22
CA GLU B 164 7.97 -8.03 -44.29
C GLU B 164 8.60 -7.67 -42.96
N VAL B 165 9.43 -6.61 -42.95
CA VAL B 165 10.29 -6.34 -41.80
C VAL B 165 9.58 -5.51 -40.75
N LEU B 166 8.77 -4.53 -41.17
CA LEU B 166 8.24 -3.51 -40.28
C LEU B 166 7.57 -4.14 -39.06
N GLN B 167 7.80 -3.54 -37.89
CA GLN B 167 7.36 -4.08 -36.62
C GLN B 167 6.39 -3.17 -35.89
N TYR B 168 6.73 -1.89 -35.74
CA TYR B 168 5.93 -0.91 -35.01
C TYR B 168 5.53 0.19 -35.97
N LEU B 169 4.23 0.36 -36.19
CA LEU B 169 3.77 1.44 -37.06
C LEU B 169 2.85 2.35 -36.24
N GLY B 170 3.39 3.50 -35.83
CA GLY B 170 2.63 4.44 -35.04
C GLY B 170 2.36 5.74 -35.78
N LEU B 171 1.12 5.92 -36.25
CA LEU B 171 0.69 7.12 -36.93
C LEU B 171 -0.29 7.93 -36.10
N ARG B 172 -0.43 7.58 -34.82
CA ARG B 172 -1.48 8.12 -33.96
C ARG B 172 -1.38 9.63 -33.80
N GLY B 173 -2.42 10.34 -34.27
CA GLY B 173 -2.56 11.76 -34.01
C GLY B 173 -2.49 12.65 -35.24
N ASN B 174 -1.93 12.18 -36.34
CA ASN B 174 -1.85 13.03 -37.53
C ASN B 174 -3.23 13.19 -38.16
N MET B 175 -3.28 13.93 -39.27
CA MET B 175 -4.52 14.07 -40.04
C MET B 175 -4.26 13.38 -41.38
N LEU B 176 -4.49 12.08 -41.41
CA LEU B 176 -4.23 11.28 -42.59
C LEU B 176 -5.58 10.77 -43.11
N THR B 177 -5.93 11.19 -44.31
CA THR B 177 -7.11 10.67 -44.98
C THR B 177 -6.74 9.38 -45.70
N GLY B 178 -7.67 8.83 -46.47
CA GLY B 178 -7.49 7.54 -47.11
C GLY B 178 -8.16 6.45 -46.32
N THR B 179 -8.00 5.22 -46.80
CA THR B 179 -8.66 4.08 -46.18
C THR B 179 -7.64 2.99 -45.86
N LEU B 180 -8.03 2.13 -44.92
CA LEU B 180 -7.29 0.90 -44.67
C LEU B 180 -7.29 0.04 -45.93
N SER B 181 -6.12 -0.22 -46.44
CA SER B 181 -6.02 -1.10 -47.59
C SER B 181 -5.88 -2.56 -47.15
N PRO B 182 -6.39 -3.51 -47.92
CA PRO B 182 -6.18 -4.93 -47.57
C PRO B 182 -4.71 -5.31 -47.53
N ASP B 183 -3.86 -4.61 -48.30
CA ASP B 183 -2.42 -4.79 -48.31
C ASP B 183 -1.83 -4.68 -46.91
N MET B 184 -2.63 -4.17 -45.97
CA MET B 184 -2.24 -4.13 -44.57
C MET B 184 -1.82 -5.50 -44.05
N CYS B 185 -2.41 -6.59 -44.55
CA CYS B 185 -2.03 -7.92 -44.09
C CYS B 185 -0.81 -8.48 -44.83
N GLN B 186 -0.13 -7.67 -45.64
CA GLN B 186 1.15 -8.05 -46.20
C GLN B 186 2.31 -7.54 -45.35
N LEU B 187 2.01 -6.91 -44.23
CA LEU B 187 3.00 -6.58 -43.19
C LEU B 187 3.10 -7.81 -42.29
N THR B 188 4.11 -8.64 -42.54
CA THR B 188 4.20 -9.94 -41.88
C THR B 188 4.99 -9.92 -40.59
N GLY B 189 5.61 -8.79 -40.24
CA GLY B 189 6.36 -8.72 -39.01
C GLY B 189 5.84 -7.66 -38.06
N LEU B 190 4.78 -6.97 -38.45
CA LEU B 190 4.23 -5.88 -37.66
C LEU B 190 3.42 -6.45 -36.50
N TRP B 191 3.64 -5.92 -35.30
CA TRP B 191 2.88 -6.34 -34.13
C TRP B 191 2.12 -5.21 -33.45
N TYR B 192 2.21 -3.98 -33.98
CA TYR B 192 1.54 -2.83 -33.38
C TYR B 192 1.11 -1.92 -34.51
N PHE B 193 -0.21 -1.87 -34.77
CA PHE B 193 -0.76 -1.04 -35.85
C PHE B 193 -1.64 0.03 -35.22
N ASP B 194 -1.18 1.29 -35.31
CA ASP B 194 -1.77 2.39 -34.53
C ASP B 194 -2.13 3.55 -35.45
N VAL B 195 -3.37 3.55 -35.94
CA VAL B 195 -3.92 4.70 -36.66
C VAL B 195 -5.12 5.20 -35.86
N ARG B 196 -4.84 6.11 -34.93
CA ARG B 196 -5.85 6.68 -34.04
C ARG B 196 -5.74 8.19 -34.07
N GLY B 197 -6.88 8.86 -34.16
CA GLY B 197 -6.88 10.31 -34.18
C GLY B 197 -6.59 10.93 -35.53
N ASN B 198 -6.79 10.18 -36.61
CA ASN B 198 -6.61 10.74 -37.94
C ASN B 198 -7.97 11.13 -38.48
N ASN B 199 -7.97 11.71 -39.68
CA ASN B 199 -9.21 12.03 -40.36
C ASN B 199 -9.58 10.92 -41.35
N LEU B 200 -9.12 9.70 -41.06
CA LEU B 200 -9.28 8.55 -41.95
C LEU B 200 -10.75 8.24 -42.24
N THR B 201 -11.01 7.83 -43.48
CA THR B 201 -12.33 7.35 -43.91
C THR B 201 -12.19 5.90 -44.39
N GLY B 202 -13.28 5.37 -44.95
CA GLY B 202 -13.27 4.03 -45.51
C GLY B 202 -13.93 2.98 -44.64
N THR B 203 -13.64 1.72 -44.97
CA THR B 203 -14.19 0.56 -44.27
C THR B 203 -13.06 -0.29 -43.71
N ILE B 204 -13.43 -1.25 -42.86
CA ILE B 204 -12.53 -2.32 -42.45
C ILE B 204 -12.35 -3.26 -43.63
N PRO B 205 -11.12 -3.49 -44.09
CA PRO B 205 -10.91 -4.51 -45.13
C PRO B 205 -11.39 -5.87 -44.65
N GLU B 206 -11.97 -6.64 -45.58
CA GLU B 206 -12.44 -7.98 -45.25
C GLU B 206 -11.30 -8.95 -45.04
N SER B 207 -10.12 -8.66 -45.57
CA SER B 207 -8.93 -9.49 -45.35
C SER B 207 -8.26 -9.23 -44.01
N ILE B 208 -8.90 -8.49 -43.10
CA ILE B 208 -8.27 -8.12 -41.84
C ILE B 208 -7.94 -9.35 -41.00
N GLY B 209 -8.70 -10.45 -41.19
CA GLY B 209 -8.48 -11.65 -40.40
C GLY B 209 -7.20 -12.39 -40.70
N ASN B 210 -6.64 -12.23 -41.89
CA ASN B 210 -5.43 -12.92 -42.30
C ASN B 210 -4.16 -12.29 -41.71
N CYS B 211 -4.32 -11.42 -40.72
CA CYS B 211 -3.22 -10.71 -40.06
C CYS B 211 -2.93 -11.33 -38.69
N THR B 212 -2.54 -12.60 -38.67
CA THR B 212 -2.31 -13.24 -37.37
C THR B 212 -1.09 -12.68 -36.66
N SER B 213 -0.24 -11.94 -37.36
CA SER B 213 0.97 -11.37 -36.76
C SER B 213 0.69 -10.16 -35.89
N PHE B 214 -0.54 -9.65 -35.85
CA PHE B 214 -0.86 -8.43 -35.11
C PHE B 214 -1.20 -8.75 -33.65
N GLU B 215 -0.59 -8.01 -32.73
CA GLU B 215 -0.89 -8.13 -31.31
C GLU B 215 -1.76 -6.98 -30.79
N ILE B 216 -1.53 -5.76 -31.26
CA ILE B 216 -2.34 -4.61 -30.87
C ILE B 216 -2.82 -3.90 -32.11
N LEU B 217 -4.15 -3.80 -32.27
CA LEU B 217 -4.77 -3.17 -33.42
C LEU B 217 -5.68 -2.04 -32.91
N ASP B 218 -5.26 -0.79 -33.17
CA ASP B 218 -5.94 0.39 -32.62
C ASP B 218 -6.33 1.29 -33.80
N VAL B 219 -7.61 1.26 -34.16
CA VAL B 219 -8.15 2.07 -35.23
C VAL B 219 -9.09 3.15 -34.68
N SER B 220 -9.00 3.43 -33.39
CA SER B 220 -10.03 4.21 -32.70
C SER B 220 -9.99 5.67 -33.10
N TYR B 221 -11.16 6.31 -32.99
CA TYR B 221 -11.32 7.75 -33.13
C TYR B 221 -10.94 8.22 -34.54
N ASN B 222 -11.53 7.56 -35.54
CA ASN B 222 -11.51 7.97 -36.93
C ASN B 222 -12.93 7.95 -37.47
N GLN B 223 -13.07 8.23 -38.76
CA GLN B 223 -14.36 8.22 -39.43
C GLN B 223 -14.64 6.91 -40.17
N ILE B 224 -14.03 5.80 -39.73
CA ILE B 224 -14.19 4.54 -40.42
C ILE B 224 -15.62 4.03 -40.23
N THR B 225 -16.22 3.53 -41.31
CA THR B 225 -17.57 2.99 -41.31
C THR B 225 -17.55 1.54 -41.78
N GLY B 226 -18.74 0.95 -41.89
CA GLY B 226 -18.86 -0.45 -42.23
C GLY B 226 -19.18 -1.30 -41.00
N VAL B 227 -19.47 -2.57 -41.27
CA VAL B 227 -19.69 -3.54 -40.19
C VAL B 227 -18.33 -4.06 -39.73
N ILE B 228 -18.32 -4.77 -38.61
CA ILE B 228 -17.12 -5.47 -38.15
C ILE B 228 -17.09 -6.82 -38.85
N PRO B 229 -16.10 -7.09 -39.70
CA PRO B 229 -16.13 -8.31 -40.50
C PRO B 229 -15.99 -9.57 -39.64
N TYR B 230 -16.45 -10.69 -40.22
CA TYR B 230 -16.26 -12.00 -39.58
C TYR B 230 -14.78 -12.29 -39.36
N ASN B 231 -13.95 -11.99 -40.36
CA ASN B 231 -12.53 -12.31 -40.33
C ASN B 231 -11.84 -11.76 -39.09
N ILE B 232 -12.41 -10.72 -38.46
CA ILE B 232 -11.84 -10.07 -37.28
C ILE B 232 -11.59 -11.13 -36.20
N GLY B 233 -12.29 -12.28 -36.32
CA GLY B 233 -12.18 -13.36 -35.36
C GLY B 233 -10.96 -14.25 -35.46
N PHE B 234 -10.08 -14.04 -36.45
CA PHE B 234 -8.84 -14.79 -36.56
C PHE B 234 -7.66 -14.07 -35.93
N LEU B 235 -7.86 -12.84 -35.48
CA LEU B 235 -6.75 -11.99 -35.05
C LEU B 235 -6.17 -12.49 -33.74
N GLN B 236 -4.85 -12.60 -33.70
CA GLN B 236 -4.11 -12.92 -32.48
C GLN B 236 -3.90 -11.71 -31.60
N VAL B 237 -4.72 -10.67 -31.79
CA VAL B 237 -4.50 -9.40 -31.12
C VAL B 237 -4.63 -9.57 -29.62
N ALA B 238 -3.72 -8.95 -28.88
CA ALA B 238 -3.88 -8.83 -27.45
C ALA B 238 -4.87 -7.71 -27.11
N THR B 239 -4.71 -6.56 -27.75
CA THR B 239 -5.63 -5.44 -27.57
C THR B 239 -6.30 -5.11 -28.91
N LEU B 240 -7.63 -5.00 -28.88
CA LEU B 240 -8.44 -4.69 -30.05
C LEU B 240 -9.30 -3.48 -29.69
N SER B 241 -8.95 -2.32 -30.26
CA SER B 241 -9.59 -1.05 -29.90
C SER B 241 -10.32 -0.52 -31.13
N LEU B 242 -11.65 -0.67 -31.13
CA LEU B 242 -12.50 -0.25 -32.24
C LEU B 242 -13.38 0.94 -31.87
N GLN B 243 -13.10 1.61 -30.75
CA GLN B 243 -14.03 2.58 -30.21
C GLN B 243 -13.99 3.89 -30.98
N GLY B 244 -15.10 4.62 -30.92
CA GLY B 244 -15.15 5.96 -31.46
C GLY B 244 -15.12 6.06 -32.95
N ASN B 245 -15.56 5.03 -33.66
CA ASN B 245 -15.76 5.07 -35.10
C ASN B 245 -17.25 5.04 -35.40
N LYS B 246 -17.59 4.99 -36.69
CA LYS B 246 -18.98 4.98 -37.11
C LYS B 246 -19.44 3.58 -37.53
N LEU B 247 -18.82 2.54 -36.98
CA LEU B 247 -19.17 1.18 -37.37
C LEU B 247 -20.64 0.90 -37.04
N THR B 248 -21.33 0.30 -37.99
CA THR B 248 -22.73 -0.05 -37.84
C THR B 248 -22.84 -1.57 -37.75
N GLY B 249 -24.05 -2.08 -37.82
CA GLY B 249 -24.25 -3.50 -37.71
C GLY B 249 -24.13 -3.98 -36.29
N ARG B 250 -24.14 -5.30 -36.14
CA ARG B 250 -24.08 -5.96 -34.84
C ARG B 250 -22.64 -6.33 -34.48
N ILE B 251 -22.49 -6.99 -33.34
CA ILE B 251 -21.20 -7.42 -32.82
C ILE B 251 -20.97 -8.86 -33.24
N PRO B 252 -19.96 -9.14 -34.06
CA PRO B 252 -19.75 -10.51 -34.55
C PRO B 252 -19.53 -11.48 -33.39
N GLU B 253 -20.35 -12.55 -33.37
CA GLU B 253 -20.24 -13.57 -32.32
C GLU B 253 -18.87 -14.25 -32.31
N VAL B 254 -18.14 -14.23 -33.42
CA VAL B 254 -16.89 -14.99 -33.51
C VAL B 254 -15.78 -14.35 -32.68
N ILE B 255 -15.90 -13.06 -32.36
CA ILE B 255 -14.97 -12.44 -31.43
C ILE B 255 -15.03 -13.12 -30.07
N GLY B 256 -16.11 -13.86 -29.80
CA GLY B 256 -16.13 -14.69 -28.60
C GLY B 256 -14.92 -15.59 -28.53
N LEU B 257 -14.53 -16.18 -29.65
CA LEU B 257 -13.45 -17.17 -29.63
C LEU B 257 -12.07 -16.53 -29.68
N MET B 258 -11.99 -15.23 -29.39
CA MET B 258 -10.77 -14.47 -29.51
C MET B 258 -10.18 -14.23 -28.12
N GLN B 259 -9.67 -15.30 -27.51
CA GLN B 259 -9.22 -15.20 -26.13
C GLN B 259 -7.86 -14.54 -25.99
N ALA B 260 -7.14 -14.33 -27.10
CA ALA B 260 -5.92 -13.56 -27.04
C ALA B 260 -6.19 -12.11 -26.68
N LEU B 261 -7.44 -11.67 -26.78
CA LEU B 261 -7.83 -10.33 -26.37
C LEU B 261 -7.54 -10.13 -24.89
N ALA B 262 -6.79 -9.08 -24.57
CA ALA B 262 -6.76 -8.55 -23.22
C ALA B 262 -7.73 -7.40 -23.02
N VAL B 263 -7.80 -6.48 -23.98
CA VAL B 263 -8.65 -5.29 -23.90
C VAL B 263 -9.49 -5.22 -25.17
N LEU B 264 -10.80 -5.25 -25.01
CA LEU B 264 -11.72 -5.18 -26.15
C LEU B 264 -12.59 -3.94 -25.99
N ASP B 265 -12.43 -2.99 -26.91
CA ASP B 265 -13.13 -1.70 -26.80
C ASP B 265 -13.92 -1.45 -28.07
N LEU B 266 -15.25 -1.35 -27.93
CA LEU B 266 -16.16 -1.09 -29.04
C LEU B 266 -17.02 0.15 -28.81
N SER B 267 -16.57 1.05 -27.93
CA SER B 267 -17.45 2.08 -27.41
C SER B 267 -17.63 3.24 -28.39
N ASP B 268 -18.68 4.03 -28.15
CA ASP B 268 -19.00 5.25 -28.88
C ASP B 268 -19.33 5.00 -30.34
N ASN B 269 -19.53 3.75 -30.74
CA ASN B 269 -19.89 3.41 -32.11
C ASN B 269 -21.41 3.42 -32.24
N GLU B 270 -21.91 3.07 -33.43
CA GLU B 270 -23.34 3.02 -33.69
C GLU B 270 -23.88 1.60 -33.70
N LEU B 271 -23.13 0.65 -33.14
CA LEU B 271 -23.54 -0.75 -33.13
C LEU B 271 -24.88 -0.94 -32.42
N THR B 272 -25.70 -1.83 -32.96
CA THR B 272 -27.00 -2.20 -32.43
C THR B 272 -27.05 -3.71 -32.19
N GLY B 273 -28.21 -4.19 -31.81
CA GLY B 273 -28.41 -5.59 -31.52
C GLY B 273 -27.96 -5.99 -30.13
N PRO B 274 -28.30 -7.21 -29.72
CA PRO B 274 -28.05 -7.63 -28.33
C PRO B 274 -26.58 -7.88 -28.06
N ILE B 275 -26.27 -8.04 -26.77
CA ILE B 275 -24.94 -8.44 -26.30
C ILE B 275 -24.77 -9.94 -26.51
N PRO B 276 -23.81 -10.38 -27.31
CA PRO B 276 -23.64 -11.82 -27.58
C PRO B 276 -23.26 -12.58 -26.31
N PRO B 277 -24.03 -13.60 -25.93
CA PRO B 277 -23.66 -14.38 -24.72
C PRO B 277 -22.36 -15.15 -24.85
N ILE B 278 -21.96 -15.50 -26.08
CA ILE B 278 -20.73 -16.27 -26.33
C ILE B 278 -19.51 -15.58 -25.72
N LEU B 279 -19.56 -14.26 -25.58
CA LEU B 279 -18.48 -13.51 -24.95
C LEU B 279 -18.14 -14.03 -23.55
N GLY B 280 -18.91 -14.96 -23.01
CA GLY B 280 -18.55 -15.53 -21.75
C GLY B 280 -17.27 -16.34 -21.73
N ASN B 281 -16.71 -16.68 -22.91
CA ASN B 281 -15.55 -17.57 -22.94
C ASN B 281 -14.20 -16.83 -23.02
N LEU B 282 -14.19 -15.49 -23.11
CA LEU B 282 -12.94 -14.73 -23.12
C LEU B 282 -12.56 -14.36 -21.67
N SER B 283 -12.18 -15.39 -20.93
CA SER B 283 -11.97 -15.25 -19.49
C SER B 283 -10.63 -14.62 -19.14
N PHE B 284 -9.81 -14.27 -20.13
CA PHE B 284 -8.52 -13.65 -19.85
C PHE B 284 -8.54 -12.16 -20.14
N THR B 285 -9.59 -11.66 -20.79
CA THR B 285 -9.71 -10.25 -21.11
C THR B 285 -9.93 -9.45 -19.84
N GLY B 286 -9.28 -8.28 -19.77
CA GLY B 286 -9.35 -7.43 -18.61
C GLY B 286 -10.30 -6.26 -18.70
N LYS B 287 -10.40 -5.64 -19.87
CA LYS B 287 -11.23 -4.46 -20.08
C LYS B 287 -12.26 -4.75 -21.16
N LEU B 288 -13.54 -4.56 -20.83
CA LEU B 288 -14.61 -4.65 -21.83
C LEU B 288 -15.36 -3.32 -21.85
N TYR B 289 -15.24 -2.61 -22.98
CA TYR B 289 -15.86 -1.30 -23.12
C TYR B 289 -16.82 -1.33 -24.30
N LEU B 290 -18.12 -1.23 -23.99
CA LEU B 290 -19.17 -1.32 -25.00
C LEU B 290 -20.11 -0.11 -24.98
N HIS B 291 -19.71 0.98 -24.34
CA HIS B 291 -20.65 2.06 -24.05
C HIS B 291 -20.82 2.99 -25.26
N GLY B 292 -21.85 3.83 -25.19
CA GLY B 292 -22.05 4.85 -26.20
C GLY B 292 -22.69 4.38 -27.49
N ASN B 293 -23.20 3.16 -27.53
CA ASN B 293 -23.72 2.56 -28.75
C ASN B 293 -25.25 2.57 -28.73
N LYS B 294 -25.86 1.92 -29.72
CA LYS B 294 -27.30 1.77 -29.80
C LYS B 294 -27.74 0.36 -29.42
N LEU B 295 -26.96 -0.32 -28.58
CA LEU B 295 -27.21 -1.71 -28.26
C LEU B 295 -28.51 -1.90 -27.49
N THR B 296 -29.27 -2.92 -27.87
CA THR B 296 -30.51 -3.33 -27.23
C THR B 296 -30.31 -4.66 -26.49
N GLY B 297 -31.42 -5.25 -26.04
CA GLY B 297 -31.38 -6.53 -25.37
C GLY B 297 -31.14 -6.43 -23.88
N GLN B 298 -31.00 -7.61 -23.27
CA GLN B 298 -30.76 -7.74 -21.84
C GLN B 298 -29.27 -7.90 -21.56
N ILE B 299 -28.92 -7.96 -20.28
CA ILE B 299 -27.56 -8.22 -19.84
C ILE B 299 -27.42 -9.74 -19.62
N PRO B 300 -26.73 -10.46 -20.49
CA PRO B 300 -26.61 -11.90 -20.35
C PRO B 300 -25.76 -12.27 -19.14
N PRO B 301 -26.23 -13.17 -18.29
CA PRO B 301 -25.44 -13.54 -17.11
C PRO B 301 -24.08 -14.16 -17.44
N GLU B 302 -23.85 -14.58 -18.69
CA GLU B 302 -22.57 -15.19 -19.05
C GLU B 302 -21.38 -14.27 -18.82
N LEU B 303 -21.61 -12.96 -18.73
CA LEU B 303 -20.50 -12.05 -18.43
C LEU B 303 -19.92 -12.30 -17.06
N GLY B 304 -20.66 -12.96 -16.16
CA GLY B 304 -20.07 -13.37 -14.90
C GLY B 304 -18.95 -14.37 -15.04
N ASN B 305 -18.83 -15.00 -16.21
CA ASN B 305 -17.84 -16.03 -16.50
C ASN B 305 -16.49 -15.45 -16.94
N MET B 306 -16.40 -14.13 -17.17
CA MET B 306 -15.14 -13.47 -17.56
C MET B 306 -14.34 -13.17 -16.29
N SER B 307 -13.63 -14.19 -15.83
CA SER B 307 -13.03 -14.11 -14.50
C SER B 307 -12.02 -12.97 -14.40
N ARG B 308 -11.22 -12.76 -15.44
CA ARG B 308 -10.13 -11.80 -15.38
C ARG B 308 -10.53 -10.41 -15.88
N LEU B 309 -11.83 -10.13 -15.89
CA LEU B 309 -12.35 -8.83 -16.30
C LEU B 309 -12.44 -7.91 -15.09
N SER B 310 -11.94 -6.69 -15.25
CA SER B 310 -11.91 -5.71 -14.16
C SER B 310 -12.70 -4.45 -14.45
N TYR B 311 -12.91 -4.08 -15.71
CA TYR B 311 -13.66 -2.89 -16.07
C TYR B 311 -14.75 -3.27 -17.05
N LEU B 312 -16.01 -3.10 -16.64
CA LEU B 312 -17.16 -3.35 -17.49
C LEU B 312 -17.88 -2.03 -17.70
N GLN B 313 -17.93 -1.55 -18.94
CA GLN B 313 -18.63 -0.31 -19.24
C GLN B 313 -19.67 -0.56 -20.33
N LEU B 314 -20.95 -0.46 -19.95
CA LEU B 314 -22.07 -0.67 -20.85
C LEU B 314 -22.96 0.57 -20.97
N ASN B 315 -22.46 1.74 -20.57
CA ASN B 315 -23.31 2.91 -20.45
C ASN B 315 -23.73 3.46 -21.82
N ASP B 316 -24.66 4.41 -21.80
CA ASP B 316 -25.12 5.12 -22.99
C ASP B 316 -25.63 4.16 -24.06
N ASN B 317 -26.47 3.21 -23.63
CA ASN B 317 -27.10 2.30 -24.59
C ASN B 317 -28.59 2.22 -24.39
N GLU B 318 -29.22 1.21 -25.01
CA GLU B 318 -30.67 1.02 -24.96
C GLU B 318 -31.06 -0.31 -24.33
N LEU B 319 -30.17 -0.89 -23.51
CA LEU B 319 -30.43 -2.18 -22.87
C LEU B 319 -31.64 -2.11 -21.95
N VAL B 320 -32.23 -3.28 -21.70
CA VAL B 320 -33.38 -3.43 -20.82
C VAL B 320 -33.12 -4.59 -19.86
N GLY B 321 -34.11 -4.90 -19.03
CA GLY B 321 -34.07 -6.05 -18.15
C GLY B 321 -33.44 -5.78 -16.79
N LYS B 322 -33.60 -6.78 -15.92
CA LYS B 322 -33.07 -6.75 -14.57
C LYS B 322 -31.54 -6.81 -14.60
N ILE B 323 -30.93 -6.39 -13.49
CA ILE B 323 -29.49 -6.58 -13.33
C ILE B 323 -29.27 -8.03 -12.89
N PRO B 324 -28.51 -8.82 -13.64
CA PRO B 324 -28.33 -10.23 -13.27
C PRO B 324 -27.40 -10.35 -12.08
N PRO B 325 -27.67 -11.30 -11.18
CA PRO B 325 -26.83 -11.44 -9.98
C PRO B 325 -25.51 -12.13 -10.26
N GLU B 326 -25.36 -12.77 -11.42
CA GLU B 326 -24.13 -13.51 -11.72
C GLU B 326 -22.91 -12.60 -11.82
N LEU B 327 -23.09 -11.28 -11.91
CA LEU B 327 -21.94 -10.39 -11.77
C LEU B 327 -21.27 -10.54 -10.41
N GLY B 328 -22.00 -11.04 -9.42
CA GLY B 328 -21.44 -11.38 -8.13
C GLY B 328 -20.37 -12.44 -8.18
N LYS B 329 -20.21 -13.10 -9.34
CA LYS B 329 -19.13 -14.03 -9.58
C LYS B 329 -17.84 -13.34 -9.99
N LEU B 330 -17.88 -12.02 -10.15
CA LEU B 330 -16.77 -11.26 -10.74
C LEU B 330 -15.85 -10.71 -9.64
N GLU B 331 -15.18 -11.65 -8.96
CA GLU B 331 -14.40 -11.28 -7.78
C GLU B 331 -13.23 -10.34 -8.09
N GLN B 332 -12.90 -10.13 -9.37
CA GLN B 332 -11.89 -9.15 -9.77
C GLN B 332 -12.47 -7.91 -10.43
N LEU B 333 -13.73 -7.57 -10.16
CA LEU B 333 -14.37 -6.45 -10.82
C LEU B 333 -14.03 -5.14 -10.11
N PHE B 334 -13.71 -4.11 -10.90
CA PHE B 334 -13.34 -2.80 -10.39
C PHE B 334 -14.36 -1.71 -10.70
N GLU B 335 -14.68 -1.50 -11.97
CA GLU B 335 -15.56 -0.43 -12.40
C GLU B 335 -16.77 -1.03 -13.10
N LEU B 336 -17.97 -0.63 -12.67
CA LEU B 336 -19.19 -1.10 -13.32
C LEU B 336 -19.99 0.12 -13.74
N ASN B 337 -20.10 0.33 -15.05
CA ASN B 337 -20.72 1.53 -15.61
C ASN B 337 -21.91 1.09 -16.46
N LEU B 338 -23.11 1.35 -15.97
CA LEU B 338 -24.34 0.90 -16.60
C LEU B 338 -25.25 2.09 -16.93
N ALA B 339 -24.65 3.26 -17.13
CA ALA B 339 -25.40 4.51 -17.12
C ALA B 339 -26.19 4.69 -18.42
N ASN B 340 -27.26 5.49 -18.30
CA ASN B 340 -28.01 5.96 -19.47
C ASN B 340 -28.56 4.80 -20.29
N ASN B 341 -29.03 3.76 -19.61
CA ASN B 341 -29.74 2.66 -20.23
C ASN B 341 -31.18 2.65 -19.71
N ASN B 342 -31.87 1.54 -19.95
CA ASN B 342 -33.27 1.40 -19.57
C ASN B 342 -33.50 0.21 -18.63
N LEU B 343 -32.53 -0.09 -17.77
CA LEU B 343 -32.65 -1.23 -16.87
C LEU B 343 -33.71 -0.99 -15.79
N VAL B 344 -34.36 -2.07 -15.37
CA VAL B 344 -35.37 -2.05 -14.32
C VAL B 344 -35.01 -3.10 -13.29
N GLY B 345 -35.85 -3.21 -12.26
CA GLY B 345 -35.67 -4.22 -11.24
C GLY B 345 -34.75 -3.80 -10.10
N LEU B 346 -34.42 -4.80 -9.28
CA LEU B 346 -33.67 -4.56 -8.06
C LEU B 346 -32.16 -4.55 -8.30
N ILE B 347 -31.45 -4.05 -7.31
CA ILE B 347 -29.99 -4.21 -7.22
C ILE B 347 -29.73 -5.50 -6.47
N PRO B 348 -29.04 -6.46 -7.07
CA PRO B 348 -28.95 -7.79 -6.47
C PRO B 348 -28.07 -7.80 -5.22
N SER B 349 -28.52 -8.57 -4.24
CA SER B 349 -27.83 -8.71 -2.97
C SER B 349 -26.59 -9.58 -3.11
N ASN B 350 -26.45 -10.19 -4.28
CA ASN B 350 -25.31 -11.03 -4.57
C ASN B 350 -24.26 -10.26 -5.32
N ILE B 351 -24.45 -8.94 -5.45
CA ILE B 351 -23.49 -8.11 -6.13
C ILE B 351 -22.54 -7.51 -5.14
N SER B 352 -22.73 -7.78 -3.87
CA SER B 352 -21.83 -7.21 -2.89
C SER B 352 -20.77 -8.23 -2.61
N SER B 353 -20.39 -8.97 -3.62
CA SER B 353 -19.37 -9.97 -3.40
C SER B 353 -18.14 -9.69 -4.21
N CYS B 354 -18.06 -8.49 -4.78
CA CYS B 354 -16.88 -8.14 -5.50
C CYS B 354 -16.22 -7.11 -4.64
N ALA B 355 -15.32 -7.52 -3.78
CA ALA B 355 -14.65 -6.62 -2.89
C ALA B 355 -14.00 -5.49 -3.63
N ALA B 356 -13.04 -5.78 -4.49
CA ALA B 356 -12.41 -4.72 -5.23
C ALA B 356 -13.45 -4.19 -6.15
N LEU B 357 -14.01 -3.06 -5.78
CA LEU B 357 -15.03 -2.45 -6.57
C LEU B 357 -14.97 -1.00 -6.26
N ASN B 358 -14.22 -0.26 -7.05
CA ASN B 358 -14.10 1.16 -6.84
C ASN B 358 -15.35 1.91 -7.21
N GLN B 359 -15.57 2.10 -8.51
CA GLN B 359 -16.70 2.88 -8.96
C GLN B 359 -17.90 2.08 -9.40
N PHE B 360 -19.09 2.50 -8.97
CA PHE B 360 -20.35 1.86 -9.33
C PHE B 360 -21.31 2.94 -9.80
N ASN B 361 -21.70 2.86 -11.07
CA ASN B 361 -22.41 3.95 -11.74
C ASN B 361 -23.59 3.37 -12.50
N VAL B 362 -24.80 3.61 -11.98
CA VAL B 362 -26.04 3.17 -12.60
C VAL B 362 -26.98 4.36 -12.85
N HIS B 363 -26.43 5.57 -12.95
CA HIS B 363 -27.23 6.76 -13.14
C HIS B 363 -28.01 6.69 -14.45
N GLY B 364 -29.21 7.26 -14.43
CA GLY B 364 -29.99 7.43 -15.65
C GLY B 364 -30.79 6.22 -16.08
N ASN B 365 -31.11 5.30 -15.17
CA ASN B 365 -31.92 4.14 -15.51
C ASN B 365 -33.22 4.16 -14.69
N PHE B 366 -33.92 3.03 -14.67
CA PHE B 366 -35.27 2.92 -14.12
C PHE B 366 -35.35 1.93 -12.97
N LEU B 367 -34.26 1.78 -12.20
CA LEU B 367 -34.23 0.81 -11.12
C LEU B 367 -35.21 1.15 -10.01
N SER B 368 -35.69 0.11 -9.32
CA SER B 368 -36.68 0.19 -8.26
C SER B 368 -36.13 -0.43 -6.97
N GLY B 369 -36.99 -0.52 -5.96
CA GLY B 369 -36.66 -1.17 -4.71
C GLY B 369 -35.71 -0.42 -3.80
N ALA B 370 -35.51 -0.95 -2.59
CA ALA B 370 -34.65 -0.32 -1.60
C ALA B 370 -33.18 -0.56 -1.94
N VAL B 371 -32.29 -0.10 -1.08
CA VAL B 371 -30.85 -0.24 -1.28
C VAL B 371 -30.35 -1.38 -0.41
N PRO B 372 -29.67 -2.37 -0.96
CA PRO B 372 -29.19 -3.49 -0.12
C PRO B 372 -28.08 -3.05 0.82
N LEU B 373 -28.09 -3.62 2.02
CA LEU B 373 -27.18 -3.17 3.06
C LEU B 373 -25.78 -3.75 2.89
N GLU B 374 -25.66 -4.92 2.27
CA GLU B 374 -24.38 -5.61 2.12
C GLU B 374 -23.36 -4.80 1.31
N PHE B 375 -23.77 -3.61 0.85
CA PHE B 375 -22.80 -2.65 0.31
C PHE B 375 -21.74 -2.29 1.34
N ARG B 376 -21.99 -2.59 2.61
CA ARG B 376 -21.01 -2.44 3.68
C ARG B 376 -19.83 -3.40 3.56
N ASN B 377 -19.88 -4.40 2.69
CA ASN B 377 -18.74 -5.27 2.44
C ASN B 377 -17.85 -4.76 1.31
N LEU B 378 -18.23 -3.67 0.63
CA LEU B 378 -17.38 -3.02 -0.37
C LEU B 378 -16.61 -1.89 0.29
N GLY B 379 -15.48 -2.26 0.91
CA GLY B 379 -14.68 -1.27 1.61
C GLY B 379 -13.90 -0.34 0.69
N SER B 380 -13.47 -0.84 -0.46
CA SER B 380 -12.70 -0.05 -1.42
C SER B 380 -13.56 0.83 -2.32
N LEU B 381 -14.87 0.92 -2.05
CA LEU B 381 -15.80 1.68 -2.88
C LEU B 381 -15.51 3.18 -2.77
N THR B 382 -14.97 3.76 -3.85
CA THR B 382 -14.64 5.18 -3.89
C THR B 382 -15.67 6.04 -4.62
N TYR B 383 -16.61 5.44 -5.35
CA TYR B 383 -17.51 6.20 -6.20
C TYR B 383 -18.85 5.50 -6.26
N LEU B 384 -19.91 6.22 -5.91
CA LEU B 384 -21.23 5.60 -5.89
C LEU B 384 -22.21 6.60 -6.48
N ASN B 385 -22.72 6.31 -7.67
CA ASN B 385 -23.66 7.21 -8.35
C ASN B 385 -24.91 6.42 -8.70
N LEU B 386 -26.01 6.71 -7.98
CA LEU B 386 -27.30 6.06 -8.18
C LEU B 386 -28.36 7.04 -8.65
N SER B 387 -27.95 8.18 -9.21
CA SER B 387 -28.86 9.29 -9.44
C SER B 387 -29.90 8.95 -10.51
N SER B 388 -31.03 9.67 -10.44
CA SER B 388 -32.07 9.63 -11.46
C SER B 388 -32.68 8.23 -11.61
N ASN B 389 -33.17 7.72 -10.48
CA ASN B 389 -33.81 6.40 -10.43
C ASN B 389 -34.99 6.49 -9.46
N SER B 390 -35.54 5.32 -9.10
CA SER B 390 -36.74 5.26 -8.27
C SER B 390 -36.49 4.59 -6.91
N PHE B 391 -35.26 4.64 -6.41
CA PHE B 391 -34.91 3.92 -5.18
C PHE B 391 -35.74 4.40 -3.98
N LYS B 392 -36.12 3.44 -3.13
CA LYS B 392 -36.98 3.64 -1.98
C LYS B 392 -36.24 3.28 -0.69
N GLY B 393 -36.97 3.37 0.42
CA GLY B 393 -36.44 3.03 1.73
C GLY B 393 -35.48 4.04 2.31
N LYS B 394 -35.12 3.88 3.58
CA LYS B 394 -34.23 4.84 4.21
C LYS B 394 -32.84 4.74 3.62
N ILE B 395 -32.02 5.74 3.94
CA ILE B 395 -30.61 5.68 3.59
C ILE B 395 -29.99 4.73 4.61
N PRO B 396 -29.46 3.58 4.19
CA PRO B 396 -28.82 2.68 5.14
C PRO B 396 -27.67 3.38 5.85
N ALA B 397 -27.68 3.31 7.18
CA ALA B 397 -26.61 3.96 7.95
C ALA B 397 -25.26 3.37 7.59
N GLU B 398 -25.25 2.12 7.14
CA GLU B 398 -24.04 1.41 6.76
C GLU B 398 -23.27 2.08 5.64
N LEU B 399 -23.87 3.04 4.93
CA LEU B 399 -23.13 3.79 3.91
C LEU B 399 -22.11 4.74 4.51
N GLY B 400 -22.06 4.89 5.83
CA GLY B 400 -21.10 5.78 6.44
C GLY B 400 -19.74 5.20 6.71
N HIS B 401 -19.64 3.87 6.76
CA HIS B 401 -18.39 3.18 7.07
C HIS B 401 -17.61 2.78 5.83
N ILE B 402 -17.94 3.36 4.68
CA ILE B 402 -17.22 3.02 3.49
C ILE B 402 -16.24 4.13 3.37
N ILE B 403 -15.48 4.29 4.43
CA ILE B 403 -14.50 5.34 4.58
C ILE B 403 -13.79 6.03 3.41
N ASN B 404 -13.44 5.34 2.34
CA ASN B 404 -12.77 6.06 1.27
C ASN B 404 -13.69 6.64 0.20
N LEU B 405 -14.97 6.75 0.48
CA LEU B 405 -15.89 7.28 -0.51
C LEU B 405 -15.51 8.68 -0.89
N ASP B 406 -15.44 8.97 -2.18
CA ASP B 406 -15.08 10.31 -2.60
C ASP B 406 -16.27 11.09 -3.13
N THR B 407 -17.22 10.40 -3.75
CA THR B 407 -18.44 10.98 -4.28
C THR B 407 -19.63 10.04 -4.03
N LEU B 408 -20.72 10.63 -3.56
CA LEU B 408 -21.93 9.87 -3.24
C LEU B 408 -23.10 10.65 -3.82
N ASP B 409 -23.75 10.06 -4.84
CA ASP B 409 -24.80 10.71 -5.62
C ASP B 409 -26.07 9.87 -5.51
N LEU B 410 -27.05 10.38 -4.76
CA LEU B 410 -28.34 9.73 -4.55
C LEU B 410 -29.49 10.56 -5.07
N SER B 411 -29.23 11.53 -5.96
CA SER B 411 -30.27 12.48 -6.32
C SER B 411 -31.30 11.82 -7.23
N GLY B 412 -32.37 12.56 -7.51
CA GLY B 412 -33.37 12.11 -8.47
C GLY B 412 -34.13 10.86 -8.09
N ASN B 413 -34.27 10.57 -6.80
CA ASN B 413 -34.88 9.32 -6.35
C ASN B 413 -36.06 9.60 -5.43
N ASN B 414 -36.57 8.53 -4.82
CA ASN B 414 -37.70 8.59 -3.88
C ASN B 414 -37.28 8.23 -2.46
N PHE B 415 -36.02 8.47 -2.09
CA PHE B 415 -35.54 8.15 -0.75
C PHE B 415 -36.35 8.88 0.32
N SER B 416 -36.61 8.18 1.43
CA SER B 416 -37.40 8.70 2.54
C SER B 416 -36.62 8.52 3.84
N GLY B 417 -37.22 8.96 4.94
CA GLY B 417 -36.62 8.83 6.25
C GLY B 417 -35.54 9.87 6.50
N SER B 418 -35.23 10.06 7.77
CA SER B 418 -34.24 11.06 8.13
C SER B 418 -32.86 10.66 7.63
N ILE B 419 -31.94 11.61 7.67
CA ILE B 419 -30.59 11.39 7.16
C ILE B 419 -29.78 10.63 8.21
N PRO B 420 -29.08 9.56 7.84
CA PRO B 420 -28.28 8.83 8.82
C PRO B 420 -27.18 9.71 9.40
N LEU B 421 -27.05 9.68 10.74
CA LEU B 421 -25.97 10.40 11.38
C LEU B 421 -24.61 9.83 10.96
N THR B 422 -24.59 8.53 10.67
CA THR B 422 -23.37 7.84 10.28
C THR B 422 -22.77 8.33 8.98
N LEU B 423 -23.48 9.21 8.24
CA LEU B 423 -22.90 9.84 7.06
C LEU B 423 -21.84 10.87 7.43
N GLY B 424 -21.60 11.11 8.72
CA GLY B 424 -20.58 12.08 9.11
C GLY B 424 -19.16 11.62 8.99
N ASP B 425 -18.92 10.31 8.86
CA ASP B 425 -17.58 9.74 8.97
C ASP B 425 -16.91 9.47 7.62
N LEU B 426 -17.29 10.19 6.56
CA LEU B 426 -16.55 10.14 5.30
C LEU B 426 -15.64 11.35 5.22
N GLU B 427 -14.44 11.23 5.80
CA GLU B 427 -13.48 12.33 5.75
C GLU B 427 -13.07 12.66 4.33
N HIS B 428 -12.85 11.65 3.50
CA HIS B 428 -12.39 11.84 2.13
C HIS B 428 -13.50 12.17 1.16
N LEU B 429 -14.72 12.36 1.65
CA LEU B 429 -15.83 12.72 0.79
C LEU B 429 -15.68 14.15 0.28
N LEU B 430 -15.98 14.34 -1.01
CA LEU B 430 -15.94 15.66 -1.66
C LEU B 430 -17.31 16.15 -2.09
N ILE B 431 -18.15 15.26 -2.63
CA ILE B 431 -19.41 15.65 -3.26
C ILE B 431 -20.52 14.75 -2.69
N LEU B 432 -21.48 15.37 -2.02
CA LEU B 432 -22.61 14.66 -1.44
C LEU B 432 -23.88 15.27 -2.02
N ASN B 433 -24.53 14.53 -2.92
CA ASN B 433 -25.75 15.02 -3.59
C ASN B 433 -26.92 14.14 -3.17
N LEU B 434 -27.79 14.70 -2.33
CA LEU B 434 -29.00 14.03 -1.85
C LEU B 434 -30.24 14.72 -2.39
N SER B 435 -30.09 15.54 -3.44
CA SER B 435 -31.13 16.46 -3.85
C SER B 435 -32.28 15.73 -4.53
N ARG B 436 -33.38 16.45 -4.71
CA ARG B 436 -34.53 15.99 -5.48
C ARG B 436 -35.09 14.66 -4.97
N ASN B 437 -35.12 14.51 -3.64
CA ASN B 437 -35.66 13.29 -3.05
C ASN B 437 -36.88 13.59 -2.17
N HIS B 438 -37.21 12.66 -1.26
CA HIS B 438 -38.37 12.79 -0.39
C HIS B 438 -38.00 12.71 1.09
N LEU B 439 -36.83 13.20 1.48
CA LEU B 439 -36.28 12.91 2.80
C LEU B 439 -37.10 13.52 3.93
N ASN B 440 -37.40 12.70 4.93
CA ASN B 440 -38.07 13.13 6.17
C ASN B 440 -37.04 13.74 7.11
N GLY B 441 -37.38 13.83 8.39
CA GLY B 441 -36.42 14.17 9.42
C GLY B 441 -35.88 15.58 9.29
N THR B 442 -34.92 15.88 10.15
CA THR B 442 -34.28 17.18 10.20
C THR B 442 -32.88 17.09 9.58
N LEU B 443 -32.12 18.16 9.69
CA LEU B 443 -30.79 18.22 9.10
C LEU B 443 -29.73 17.88 10.13
N PRO B 444 -29.00 16.77 9.96
CA PRO B 444 -28.01 16.36 10.97
C PRO B 444 -26.76 17.21 10.91
N ALA B 445 -26.12 17.36 12.08
CA ALA B 445 -25.01 18.31 12.26
C ALA B 445 -23.64 17.73 11.96
N GLU B 446 -23.46 16.41 12.03
CA GLU B 446 -22.18 15.78 11.79
C GLU B 446 -21.61 16.12 10.40
N PHE B 447 -22.39 16.80 9.57
CA PHE B 447 -21.90 17.38 8.32
C PHE B 447 -20.72 18.32 8.52
N GLY B 448 -20.41 18.68 9.76
CA GLY B 448 -19.22 19.47 10.01
C GLY B 448 -17.93 18.68 9.84
N ASN B 449 -18.01 17.34 9.83
CA ASN B 449 -16.83 16.49 9.79
C ASN B 449 -16.39 16.15 8.37
N LEU B 450 -17.01 16.74 7.35
CA LEU B 450 -16.59 16.54 5.97
C LEU B 450 -15.53 17.58 5.63
N ARG B 451 -14.30 17.28 6.00
CA ARG B 451 -13.24 18.28 5.88
C ARG B 451 -12.99 18.63 4.41
N SER B 452 -12.86 17.62 3.57
CA SER B 452 -12.58 17.77 2.15
C SER B 452 -13.80 18.03 1.29
N ILE B 453 -14.99 18.17 1.86
CA ILE B 453 -16.20 18.30 1.04
C ILE B 453 -16.13 19.60 0.22
N GLN B 454 -16.56 19.52 -1.04
CA GLN B 454 -16.66 20.68 -1.92
C GLN B 454 -18.08 21.06 -2.26
N ILE B 455 -18.99 20.10 -2.36
CA ILE B 455 -20.31 20.32 -2.92
C ILE B 455 -21.32 19.57 -2.08
N ILE B 456 -22.26 20.29 -1.46
CA ILE B 456 -23.34 19.67 -0.72
C ILE B 456 -24.66 20.09 -1.33
N ASP B 457 -25.53 19.11 -1.62
CA ASP B 457 -26.82 19.38 -2.23
C ASP B 457 -27.89 18.49 -1.60
N VAL B 458 -28.79 19.10 -0.83
CA VAL B 458 -29.97 18.42 -0.30
C VAL B 458 -31.25 19.09 -0.77
N SER B 459 -31.19 19.80 -1.89
CA SER B 459 -32.31 20.61 -2.34
C SER B 459 -33.50 19.73 -2.72
N PHE B 460 -34.69 20.34 -2.68
CA PHE B 460 -35.93 19.71 -3.14
C PHE B 460 -36.29 18.50 -2.28
N ASN B 461 -36.14 18.63 -0.96
CA ASN B 461 -36.52 17.59 -0.01
C ASN B 461 -37.51 18.17 1.01
N PHE B 462 -37.76 17.42 2.09
CA PHE B 462 -38.69 17.84 3.14
C PHE B 462 -37.97 18.06 4.47
N LEU B 463 -36.69 18.41 4.42
CA LEU B 463 -35.91 18.60 5.63
C LEU B 463 -36.51 19.70 6.49
N ALA B 464 -36.37 19.56 7.80
CA ALA B 464 -36.83 20.58 8.74
C ALA B 464 -35.73 20.90 9.75
N GLY B 465 -36.07 21.64 10.80
CA GLY B 465 -35.08 22.05 11.78
C GLY B 465 -34.27 23.25 11.27
N VAL B 466 -33.42 23.76 12.16
CA VAL B 466 -32.68 24.98 11.85
C VAL B 466 -31.45 24.62 11.01
N ILE B 467 -31.01 25.57 10.18
CA ILE B 467 -29.72 25.48 9.50
C ILE B 467 -28.64 25.25 10.55
N PRO B 468 -27.91 24.13 10.47
CA PRO B 468 -26.87 23.87 11.47
C PRO B 468 -25.80 24.95 11.46
N THR B 469 -25.26 25.24 12.64
CA THR B 469 -24.27 26.30 12.82
C THR B 469 -22.84 25.85 12.57
N GLU B 470 -22.59 24.54 12.53
CA GLU B 470 -21.24 24.02 12.32
C GLU B 470 -20.79 24.14 10.87
N LEU B 471 -21.71 24.47 9.95
CA LEU B 471 -21.42 24.47 8.52
C LEU B 471 -20.30 25.44 8.11
N GLY B 472 -19.88 26.33 9.00
CA GLY B 472 -18.74 27.19 8.69
C GLY B 472 -17.40 26.52 8.78
N GLN B 473 -17.35 25.27 9.23
CA GLN B 473 -16.08 24.57 9.39
C GLN B 473 -15.49 24.13 8.05
N LEU B 474 -16.33 23.86 7.06
CA LEU B 474 -15.85 23.30 5.80
C LEU B 474 -15.15 24.39 4.99
N GLN B 475 -13.82 24.27 4.87
CA GLN B 475 -13.06 25.22 4.08
C GLN B 475 -13.01 24.85 2.60
N ASN B 476 -13.21 23.58 2.27
CA ASN B 476 -13.11 23.12 0.89
C ASN B 476 -14.44 23.18 0.16
N ILE B 477 -15.51 23.59 0.83
CA ILE B 477 -16.84 23.59 0.21
C ILE B 477 -16.99 24.85 -0.64
N ASN B 478 -17.30 24.66 -1.92
CA ASN B 478 -17.54 25.77 -2.83
C ASN B 478 -18.99 25.92 -3.22
N SER B 479 -19.84 24.94 -2.93
CA SER B 479 -21.25 25.02 -3.27
C SER B 479 -22.09 24.44 -2.15
N LEU B 480 -23.07 25.23 -1.69
CA LEU B 480 -23.98 24.79 -0.64
C LEU B 480 -25.38 25.07 -1.14
N ILE B 481 -26.14 24.01 -1.38
CA ILE B 481 -27.46 24.11 -2.01
C ILE B 481 -28.49 23.44 -1.11
N LEU B 482 -29.40 24.24 -0.54
CA LEU B 482 -30.45 23.73 0.34
C LEU B 482 -31.83 24.22 -0.08
N ASN B 483 -32.06 24.39 -1.38
CA ASN B 483 -33.34 24.90 -1.87
C ASN B 483 -34.51 24.00 -1.47
N ASN B 484 -35.69 24.61 -1.35
CA ASN B 484 -36.97 23.91 -1.27
C ASN B 484 -36.98 22.87 -0.15
N ASN B 485 -36.79 23.35 1.08
CA ASN B 485 -36.97 22.53 2.27
C ASN B 485 -37.79 23.32 3.29
N LYS B 486 -38.14 22.65 4.39
CA LYS B 486 -38.91 23.27 5.46
C LYS B 486 -38.04 23.85 6.56
N ILE B 487 -36.78 24.14 6.25
CA ILE B 487 -35.82 24.59 7.25
C ILE B 487 -36.23 25.96 7.81
N HIS B 488 -36.27 26.07 9.14
CA HIS B 488 -36.64 27.33 9.77
C HIS B 488 -35.50 27.84 10.64
N GLY B 489 -35.80 28.75 11.56
CA GLY B 489 -34.79 29.37 12.36
C GLY B 489 -34.13 30.49 11.59
N LYS B 490 -33.00 30.95 12.12
CA LYS B 490 -32.28 32.05 11.50
C LYS B 490 -31.07 31.55 10.73
N ILE B 491 -30.46 32.46 9.98
CA ILE B 491 -29.28 32.15 9.17
C ILE B 491 -28.05 32.32 10.07
N PRO B 492 -27.30 31.26 10.34
CA PRO B 492 -26.12 31.39 11.19
C PRO B 492 -25.07 32.29 10.56
N ASP B 493 -24.43 33.12 11.39
CA ASP B 493 -23.38 34.01 10.92
C ASP B 493 -22.14 33.24 10.47
N GLN B 494 -21.92 32.07 11.05
CA GLN B 494 -20.73 31.27 10.77
C GLN B 494 -20.66 30.87 9.30
N LEU B 495 -21.78 30.96 8.57
CA LEU B 495 -21.79 30.71 7.13
C LEU B 495 -20.88 31.66 6.35
N THR B 496 -20.30 32.65 7.02
CA THR B 496 -19.36 33.56 6.37
C THR B 496 -17.97 32.94 6.22
N ASN B 497 -17.54 32.12 7.17
CA ASN B 497 -16.19 31.58 7.22
C ASN B 497 -15.88 30.59 6.10
N CYS B 498 -16.84 30.26 5.24
CA CYS B 498 -16.56 29.36 4.12
C CYS B 498 -15.79 30.16 3.08
N PHE B 499 -14.46 30.00 3.10
CA PHE B 499 -13.59 30.78 2.21
C PHE B 499 -13.87 30.43 0.76
N SER B 500 -13.90 29.13 0.45
CA SER B 500 -14.02 28.69 -0.93
C SER B 500 -15.44 28.78 -1.45
N LEU B 501 -16.42 29.08 -0.61
CA LEU B 501 -17.82 28.99 -0.99
C LEU B 501 -18.16 30.21 -1.83
N ALA B 502 -18.20 30.02 -3.15
CA ALA B 502 -18.61 31.05 -4.09
C ALA B 502 -19.94 30.76 -4.75
N ASN B 503 -20.60 29.66 -4.37
CA ASN B 503 -21.84 29.26 -5.03
C ASN B 503 -22.79 28.69 -3.97
N LEU B 504 -23.90 29.41 -3.75
CA LEU B 504 -24.80 29.19 -2.64
C LEU B 504 -26.23 29.36 -3.11
N ASN B 505 -27.15 28.60 -2.51
CA ASN B 505 -28.58 28.76 -2.82
C ASN B 505 -29.40 28.23 -1.66
N ILE B 506 -30.01 29.13 -0.88
CA ILE B 506 -30.87 28.70 0.24
C ILE B 506 -32.28 29.26 0.09
N SER B 507 -32.73 29.49 -1.14
CA SER B 507 -34.04 30.08 -1.37
C SER B 507 -35.16 29.07 -1.10
N PHE B 508 -36.35 29.61 -0.86
CA PHE B 508 -37.61 28.86 -0.72
C PHE B 508 -37.68 28.08 0.58
N ASN B 509 -37.70 28.78 1.72
CA ASN B 509 -37.86 28.15 3.03
C ASN B 509 -38.68 29.08 3.92
N ASN B 510 -38.75 28.74 5.21
CA ASN B 510 -39.32 29.62 6.23
C ASN B 510 -38.23 30.35 7.00
N LEU B 511 -37.06 30.52 6.39
CA LEU B 511 -35.91 31.14 7.04
C LEU B 511 -36.28 32.53 7.56
N SER B 512 -35.82 32.85 8.77
CA SER B 512 -36.11 34.13 9.41
C SER B 512 -34.80 34.88 9.68
N GLY B 513 -34.94 36.08 10.23
CA GLY B 513 -33.79 36.88 10.61
C GLY B 513 -33.34 37.83 9.52
N ILE B 514 -32.06 38.20 9.62
CA ILE B 514 -31.44 39.12 8.66
C ILE B 514 -30.55 38.32 7.73
N ILE B 515 -29.96 38.99 6.74
CA ILE B 515 -28.85 38.43 5.97
C ILE B 515 -27.55 38.90 6.59
N PRO B 516 -26.83 38.05 7.32
CA PRO B 516 -25.58 38.47 7.96
C PRO B 516 -24.53 38.87 6.93
N PRO B 517 -23.98 40.07 7.05
CA PRO B 517 -23.06 40.46 6.01
C PRO B 517 -21.65 40.69 6.50
N MET B 518 -21.12 39.75 7.28
CA MET B 518 -19.78 39.86 7.80
C MET B 518 -18.81 40.08 6.66
N LYS B 519 -18.57 39.04 5.91
CA LYS B 519 -17.63 39.19 4.83
C LYS B 519 -18.39 39.74 3.66
N ASN B 520 -17.89 39.53 2.47
CA ASN B 520 -18.60 40.02 1.31
C ASN B 520 -19.74 39.07 1.03
N PHE B 521 -20.79 39.18 1.82
CA PHE B 521 -21.94 38.33 1.65
C PHE B 521 -22.99 39.11 0.87
N THR B 522 -22.52 40.05 0.05
CA THR B 522 -23.42 40.86 -0.76
C THR B 522 -23.47 40.35 -2.18
N ARG B 523 -22.64 39.36 -2.49
CA ARG B 523 -22.63 38.77 -3.81
C ARG B 523 -23.77 37.76 -3.86
N PHE B 524 -24.07 37.18 -2.70
CA PHE B 524 -25.12 36.18 -2.61
C PHE B 524 -26.33 36.71 -1.89
N SER B 525 -26.66 37.97 -2.13
CA SER B 525 -27.82 38.54 -1.47
C SER B 525 -29.16 38.24 -2.13
N PRO B 526 -29.42 38.92 -3.24
CA PRO B 526 -30.58 38.91 -4.13
C PRO B 526 -31.05 37.54 -4.56
N ALA B 527 -30.25 36.82 -5.30
CA ALA B 527 -30.72 35.55 -5.85
C ALA B 527 -30.67 34.40 -4.87
N SER B 528 -29.59 34.27 -4.10
CA SER B 528 -29.39 33.06 -3.30
C SER B 528 -30.48 32.87 -2.25
N PHE B 529 -31.04 33.96 -1.73
CA PHE B 529 -31.98 33.90 -0.62
C PHE B 529 -33.41 34.20 -1.02
N PHE B 530 -33.78 34.03 -2.30
CA PHE B 530 -34.98 34.72 -2.80
C PHE B 530 -36.26 34.28 -2.07
N GLY B 531 -36.47 32.97 -1.91
CA GLY B 531 -37.80 32.47 -1.60
C GLY B 531 -38.27 32.57 -0.16
N ASN B 532 -37.45 33.12 0.73
CA ASN B 532 -37.77 33.13 2.15
C ASN B 532 -38.58 34.36 2.53
N PRO B 533 -39.76 34.20 3.15
CA PRO B 533 -40.57 35.37 3.48
C PRO B 533 -39.98 36.23 4.61
N PHE B 534 -39.53 35.61 5.69
CA PHE B 534 -39.13 36.37 6.88
C PHE B 534 -37.69 36.86 6.82
N LEU B 535 -37.12 36.97 5.62
CA LEU B 535 -35.73 37.39 5.46
C LEU B 535 -35.69 38.88 5.10
N CYS B 536 -34.76 39.60 5.72
CA CYS B 536 -34.66 41.04 5.57
C CYS B 536 -33.96 41.31 4.24
N GLY B 537 -34.70 41.81 3.29
CA GLY B 537 -34.15 42.05 1.97
C GLY B 537 -35.25 42.53 1.05
N ASN B 538 -34.82 43.16 -0.04
CA ASN B 538 -35.74 43.79 -0.98
C ASN B 538 -36.10 42.77 -2.06
N TRP B 539 -37.22 42.10 -1.87
CA TRP B 539 -37.82 41.17 -2.83
C TRP B 539 -39.22 40.88 -2.27
N VAL B 540 -39.97 40.05 -2.94
CA VAL B 540 -41.30 39.84 -2.44
C VAL B 540 -41.35 39.11 -1.11
N ASN C 1 36.53 33.18 26.49
CA ASN C 1 37.37 32.25 27.24
C ASN C 1 36.66 30.90 27.39
N GLU C 2 35.34 30.89 27.18
CA GLU C 2 34.64 29.63 27.02
C GLU C 2 35.12 28.86 25.79
N GLY C 3 35.72 29.56 24.83
CA GLY C 3 36.35 28.87 23.71
C GLY C 3 37.47 27.95 24.15
N LYS C 4 38.22 28.35 25.18
CA LYS C 4 39.27 27.50 25.72
C LYS C 4 38.70 26.16 26.19
N ALA C 5 37.61 26.21 26.95
CA ALA C 5 36.99 24.98 27.42
C ALA C 5 36.41 24.18 26.26
N LEU C 6 35.92 24.86 25.23
CA LEU C 6 35.46 24.16 24.04
C LEU C 6 36.61 23.42 23.36
N MET C 7 37.81 24.01 23.38
CA MET C 7 38.98 23.35 22.80
C MET C 7 39.35 22.10 23.59
N ALA C 8 39.44 22.25 24.91
CA ALA C 8 39.73 21.09 25.74
C ALA C 8 38.63 20.04 25.64
N ILE C 9 37.46 20.49 25.25
CA ILE C 9 36.36 19.58 25.10
C ILE C 9 36.66 18.92 23.79
N LYS C 10 37.11 19.70 22.82
CA LYS C 10 37.45 19.10 21.53
C LYS C 10 38.66 18.15 21.58
N ALA C 11 39.61 18.53 22.41
CA ALA C 11 40.80 17.72 22.61
C ALA C 11 40.55 16.27 22.96
N SER C 12 39.91 16.03 24.09
CA SER C 12 39.63 14.66 24.44
C SER C 12 38.33 14.24 23.79
N PHE C 13 38.33 14.16 22.47
CA PHE C 13 37.13 13.75 21.73
C PHE C 13 37.47 12.66 20.72
N SER C 14 36.52 12.28 19.89
CA SER C 14 36.75 11.24 18.87
C SER C 14 37.46 11.83 17.65
N ASN C 15 37.87 11.03 16.68
CA ASN C 15 38.55 11.68 15.58
C ASN C 15 37.46 12.41 14.83
N VAL C 16 37.13 13.56 15.38
CA VAL C 16 36.08 14.42 14.91
C VAL C 16 36.58 15.40 13.89
N ALA C 17 37.89 15.69 14.01
CA ALA C 17 38.65 16.59 13.16
C ALA C 17 37.93 16.57 11.86
N ASN C 18 37.27 15.46 11.63
CA ASN C 18 36.44 15.24 10.45
C ASN C 18 35.28 16.20 10.37
N MET C 19 34.29 15.97 11.22
CA MET C 19 33.06 16.74 11.18
C MET C 19 32.92 17.97 12.07
N LEU C 20 33.74 18.14 13.09
CA LEU C 20 33.60 19.33 13.92
C LEU C 20 33.97 20.51 13.05
N LEU C 21 32.96 21.19 12.48
CA LEU C 21 33.23 22.30 11.58
C LEU C 21 33.98 23.45 12.24
N ASP C 22 35.29 23.34 12.16
CA ASP C 22 36.28 24.31 12.64
C ASP C 22 36.35 24.90 14.05
N TRP C 23 36.55 24.10 15.08
CA TRP C 23 36.73 24.73 16.37
C TRP C 23 38.24 24.94 16.39
N ASP C 24 38.71 26.11 16.81
CA ASP C 24 40.14 26.39 16.74
C ASP C 24 40.44 27.68 17.48
N ASP C 25 41.57 27.70 18.19
CA ASP C 25 42.10 28.91 18.80
C ASP C 25 43.22 29.52 17.95
N VAL C 26 43.28 29.14 16.68
CA VAL C 26 44.32 29.66 15.80
C VAL C 26 43.80 30.96 15.21
N HIS C 27 42.86 30.88 14.27
CA HIS C 27 42.28 32.11 13.75
C HIS C 27 40.91 32.38 14.35
N ASN C 28 39.92 31.54 14.03
CA ASN C 28 38.54 31.85 14.37
C ASN C 28 38.34 31.93 15.87
N HIS C 29 38.19 33.16 16.38
CA HIS C 29 37.87 33.42 17.77
C HIS C 29 36.40 33.68 17.97
N ASP C 30 35.57 33.26 17.01
CA ASP C 30 34.12 33.43 17.03
C ASP C 30 33.51 32.03 17.17
N PHE C 31 33.32 31.62 18.43
CA PHE C 31 32.78 30.31 18.72
C PHE C 31 31.25 30.28 18.84
N CYS C 32 30.54 31.28 18.32
CA CYS C 32 29.09 31.22 18.22
C CYS C 32 28.61 30.88 16.82
N SER C 33 29.54 30.65 15.90
CA SER C 33 29.19 30.13 14.59
C SER C 33 29.63 28.69 14.38
N TRP C 34 30.24 28.07 15.39
CA TRP C 34 30.80 26.73 15.21
C TRP C 34 29.70 25.69 15.17
N ARG C 35 29.98 24.59 14.47
CA ARG C 35 29.00 23.53 14.30
C ARG C 35 28.53 23.03 15.66
N GLY C 36 27.21 22.98 15.83
CA GLY C 36 26.61 22.36 16.98
C GLY C 36 26.56 23.20 18.23
N VAL C 37 27.30 24.32 18.30
CA VAL C 37 27.32 25.18 19.48
C VAL C 37 26.54 26.45 19.17
N PHE C 38 25.51 26.71 19.97
CA PHE C 38 24.63 27.85 19.82
C PHE C 38 24.92 28.87 20.92
N CYS C 39 24.92 30.15 20.57
CA CYS C 39 24.92 31.21 21.56
C CYS C 39 23.63 32.00 21.47
N ASP C 40 23.25 32.61 22.59
CA ASP C 40 22.05 33.44 22.65
C ASP C 40 22.29 34.81 22.02
N ASN C 41 21.18 35.49 21.68
CA ASN C 41 21.26 36.80 21.04
C ASN C 41 21.93 37.84 21.91
N VAL C 42 21.91 37.68 23.24
CA VAL C 42 22.24 38.77 24.14
C VAL C 42 23.75 38.84 24.40
N SER C 43 24.26 37.94 25.23
CA SER C 43 25.62 38.06 25.76
C SER C 43 26.64 37.23 24.99
N LEU C 44 26.23 36.55 23.92
CA LEU C 44 27.10 35.71 23.10
C LEU C 44 27.94 34.75 23.94
N ASN C 45 27.23 33.91 24.69
CA ASN C 45 27.83 32.77 25.37
C ASN C 45 26.96 31.54 25.11
N VAL C 46 27.59 30.37 25.25
CA VAL C 46 26.97 29.12 24.85
C VAL C 46 25.69 28.88 25.64
N VAL C 47 24.61 28.54 24.93
CA VAL C 47 23.31 28.27 25.53
C VAL C 47 22.83 26.86 25.20
N SER C 48 22.92 26.47 23.93
CA SER C 48 22.46 25.17 23.47
C SER C 48 23.57 24.53 22.66
N LEU C 49 23.71 23.22 22.76
CA LEU C 49 24.81 22.48 22.14
C LEU C 49 24.22 21.20 21.56
N ASN C 50 24.16 21.12 20.24
CA ASN C 50 23.59 19.94 19.57
C ASN C 50 24.69 19.31 18.73
N LEU C 51 25.32 18.28 19.27
CA LEU C 51 26.26 17.45 18.53
C LEU C 51 25.67 16.07 18.28
N SER C 52 24.35 16.02 18.14
CA SER C 52 23.61 14.76 18.14
C SER C 52 23.96 13.89 16.94
N ASN C 53 24.32 12.64 17.23
CA ASN C 53 24.42 11.58 16.22
C ASN C 53 25.50 11.88 15.19
N LEU C 54 26.70 12.18 15.67
CA LEU C 54 27.84 12.41 14.80
C LEU C 54 28.91 11.33 14.88
N ASN C 55 28.79 10.39 15.82
CA ASN C 55 29.80 9.35 16.06
C ASN C 55 31.18 9.96 16.28
N LEU C 56 31.28 10.66 17.41
CA LEU C 56 32.51 11.35 17.77
C LEU C 56 33.35 10.55 18.76
N GLY C 57 32.86 9.40 19.22
CA GLY C 57 33.63 8.34 19.84
C GLY C 57 34.77 8.64 20.80
N GLY C 58 34.68 9.73 21.57
CA GLY C 58 35.69 10.06 22.55
C GLY C 58 35.19 9.91 23.98
N GLU C 59 35.85 10.62 24.89
CA GLU C 59 35.38 10.79 26.26
C GLU C 59 34.87 12.21 26.46
N ILE C 60 34.04 12.36 27.49
CA ILE C 60 33.55 13.69 27.88
C ILE C 60 34.64 14.33 28.72
N SER C 61 35.26 15.37 28.18
CA SER C 61 36.39 16.00 28.86
C SER C 61 35.91 16.79 30.07
N SER C 62 36.82 17.02 31.00
CA SER C 62 36.47 17.71 32.24
C SER C 62 36.13 19.17 31.99
N ALA C 63 36.69 19.78 30.94
CA ALA C 63 36.51 21.20 30.70
C ALA C 63 35.04 21.61 30.57
N LEU C 64 34.12 20.65 30.46
CA LEU C 64 32.70 20.98 30.48
C LEU C 64 32.31 21.81 31.68
N GLY C 65 33.04 21.64 32.80
CA GLY C 65 32.75 22.44 33.98
C GLY C 65 32.94 23.93 33.79
N ASP C 66 33.76 24.33 32.82
CA ASP C 66 34.04 25.76 32.62
C ASP C 66 32.95 26.49 31.84
N LEU C 67 32.13 25.78 31.07
CA LEU C 67 31.06 26.43 30.31
C LEU C 67 29.88 26.74 31.22
N MET C 68 29.79 28.01 31.63
CA MET C 68 28.83 28.44 32.64
C MET C 68 27.45 28.75 32.07
N ASN C 69 27.37 29.57 31.03
CA ASN C 69 26.06 29.86 30.46
C ASN C 69 25.45 28.67 29.72
N LEU C 70 26.16 27.55 29.67
CA LEU C 70 25.63 26.36 29.02
C LEU C 70 24.33 25.94 29.65
N GLN C 71 23.29 25.83 28.81
CA GLN C 71 21.97 25.37 29.24
C GLN C 71 21.64 23.97 28.79
N SER C 72 21.96 23.60 27.55
CA SER C 72 21.55 22.33 26.98
C SER C 72 22.73 21.65 26.29
N ILE C 73 22.95 20.37 26.62
CA ILE C 73 23.99 19.56 25.99
C ILE C 73 23.35 18.30 25.41
N ASP C 74 23.50 18.13 24.10
CA ASP C 74 23.09 16.93 23.37
C ASP C 74 24.35 16.29 22.78
N LEU C 75 24.81 15.21 23.41
CA LEU C 75 25.93 14.42 22.90
C LEU C 75 25.47 13.06 22.39
N GLN C 76 24.18 12.96 22.06
CA GLN C 76 23.54 11.69 21.75
C GLN C 76 24.12 11.03 20.50
N GLY C 77 24.36 9.73 20.59
CA GLY C 77 24.65 8.93 19.42
C GLY C 77 26.06 9.02 18.89
N ASN C 78 27.00 9.48 19.71
CA ASN C 78 28.36 9.72 19.24
C ASN C 78 29.32 8.60 19.61
N LYS C 79 28.82 7.47 20.09
CA LYS C 79 29.65 6.33 20.48
C LYS C 79 30.71 6.77 21.50
N LEU C 80 30.35 7.70 22.38
CA LEU C 80 31.28 8.30 23.33
C LEU C 80 31.59 7.32 24.48
N GLY C 81 32.76 7.54 25.11
CA GLY C 81 33.22 6.71 26.19
C GLY C 81 33.63 7.43 27.46
N GLY C 82 34.24 6.70 28.39
CA GLY C 82 34.59 7.23 29.69
C GLY C 82 33.38 7.28 30.60
N GLN C 83 33.60 7.81 31.81
CA GLN C 83 32.49 8.11 32.70
C GLN C 83 32.11 9.59 32.54
N ILE C 84 31.06 9.98 33.25
CA ILE C 84 30.62 11.37 33.28
C ILE C 84 31.46 12.08 34.33
N PRO C 85 32.30 13.03 33.94
CA PRO C 85 33.21 13.67 34.92
C PRO C 85 32.43 14.34 36.03
N ASP C 86 33.00 14.30 37.23
CA ASP C 86 32.35 14.89 38.40
C ASP C 86 32.13 16.39 38.20
N GLU C 87 33.04 17.05 37.49
CA GLU C 87 33.04 18.50 37.33
C GLU C 87 31.86 19.02 36.52
N ILE C 88 30.98 18.14 36.03
CA ILE C 88 29.72 18.61 35.47
C ILE C 88 28.89 19.32 36.54
N GLY C 89 29.12 18.99 37.82
CA GLY C 89 28.42 19.65 38.90
C GLY C 89 28.78 21.12 39.07
N ASN C 90 29.43 21.71 38.07
CA ASN C 90 29.79 23.13 38.10
C ASN C 90 28.72 24.00 37.44
N CYS C 91 28.44 23.76 36.16
CA CYS C 91 27.50 24.60 35.42
C CYS C 91 26.08 24.43 35.93
N VAL C 92 25.67 25.28 36.87
CA VAL C 92 24.33 25.22 37.43
C VAL C 92 23.27 25.69 36.44
N SER C 93 23.65 26.43 35.41
CA SER C 93 22.70 26.84 34.37
C SER C 93 22.18 25.67 33.55
N LEU C 94 22.76 24.48 33.69
CA LEU C 94 22.42 23.36 32.83
C LEU C 94 20.97 22.95 33.01
N ALA C 95 20.29 22.70 31.89
CA ALA C 95 18.86 22.39 31.88
C ALA C 95 18.54 21.07 31.21
N TYR C 96 19.09 20.80 30.04
CA TYR C 96 18.76 19.64 29.23
C TYR C 96 20.04 18.83 29.02
N VAL C 97 20.01 17.56 29.41
CA VAL C 97 21.18 16.70 29.22
C VAL C 97 20.74 15.42 28.53
N ASP C 98 21.19 15.24 27.29
CA ASP C 98 20.90 14.02 26.52
C ASP C 98 22.22 13.33 26.18
N PHE C 99 22.56 12.29 26.96
CA PHE C 99 23.67 11.40 26.65
C PHE C 99 23.20 10.09 26.03
N SER C 100 22.07 10.13 25.33
CA SER C 100 21.47 8.94 24.76
C SER C 100 22.43 8.21 23.84
N THR C 101 22.27 6.88 23.79
CA THR C 101 22.97 6.00 22.86
C THR C 101 24.46 6.33 22.77
N ASN C 102 25.10 6.35 23.93
CA ASN C 102 26.54 6.43 24.02
C ASN C 102 27.04 5.19 24.76
N LEU C 103 28.31 5.20 25.14
CA LEU C 103 28.89 4.12 25.93
C LEU C 103 29.62 4.74 27.12
N LEU C 104 28.87 5.11 28.16
CA LEU C 104 29.42 5.67 29.38
C LEU C 104 29.19 4.71 30.53
N PHE C 105 30.18 4.59 31.42
CA PHE C 105 30.12 3.69 32.55
C PHE C 105 30.35 4.47 33.85
N GLY C 106 30.46 3.75 34.95
CA GLY C 106 30.75 4.34 36.24
C GLY C 106 29.55 5.01 36.88
N ASP C 107 29.72 5.38 38.15
CA ASP C 107 28.63 5.98 38.90
C ASP C 107 28.24 7.32 38.30
N ILE C 108 26.96 7.65 38.41
CA ILE C 108 26.49 9.00 38.11
C ILE C 108 26.98 9.89 39.24
N PRO C 109 27.78 10.92 38.96
CA PRO C 109 28.40 11.69 40.04
C PRO C 109 27.37 12.26 41.00
N PHE C 110 27.80 12.47 42.24
CA PHE C 110 26.94 13.16 43.20
C PHE C 110 26.78 14.63 42.84
N SER C 111 27.76 15.19 42.14
CA SER C 111 27.74 16.61 41.78
C SER C 111 26.55 16.95 40.91
N ILE C 112 25.89 15.94 40.32
CA ILE C 112 24.70 16.16 39.52
C ILE C 112 23.65 16.92 40.31
N SER C 113 23.67 16.78 41.65
CA SER C 113 22.68 17.45 42.48
C SER C 113 22.78 18.97 42.40
N LYS C 114 23.97 19.52 42.11
CA LYS C 114 24.17 20.96 42.14
C LYS C 114 23.51 21.71 40.98
N LEU C 115 22.77 21.03 40.11
CA LEU C 115 22.15 21.67 38.94
C LEU C 115 20.66 21.93 39.25
N LYS C 116 20.38 23.14 39.73
CA LYS C 116 19.02 23.46 40.16
C LYS C 116 18.07 23.59 38.97
N GLN C 117 18.54 24.15 37.86
CA GLN C 117 17.68 24.42 36.72
C GLN C 117 17.44 23.18 35.85
N LEU C 118 17.97 22.02 36.25
CA LEU C 118 17.95 20.85 35.39
C LEU C 118 16.60 20.16 35.49
N GLU C 119 15.89 20.07 34.36
CA GLU C 119 14.57 19.45 34.32
C GLU C 119 14.48 18.24 33.40
N PHE C 120 15.52 17.95 32.62
CA PHE C 120 15.50 16.83 31.69
C PHE C 120 16.83 16.12 31.73
N LEU C 121 16.81 14.85 32.16
CA LEU C 121 18.02 14.04 32.23
C LEU C 121 17.75 12.71 31.55
N ASN C 122 18.43 12.48 30.44
CA ASN C 122 18.30 11.25 29.69
C ASN C 122 19.67 10.59 29.61
N LEU C 123 19.79 9.40 30.20
CA LEU C 123 21.02 8.62 30.16
C LEU C 123 20.79 7.24 29.55
N LYS C 124 19.71 7.07 28.79
CA LYS C 124 19.36 5.76 28.27
C LYS C 124 20.39 5.31 27.25
N ASN C 125 20.57 3.99 27.18
CA ASN C 125 21.50 3.32 26.28
C ASN C 125 22.95 3.72 26.62
N ASN C 126 23.38 3.23 27.78
CA ASN C 126 24.75 3.40 28.24
C ASN C 126 25.10 2.22 29.14
N GLN C 127 26.37 2.18 29.58
CA GLN C 127 26.90 1.11 30.39
C GLN C 127 27.06 1.51 31.86
N LEU C 128 26.40 2.59 32.28
CA LEU C 128 26.62 3.16 33.60
C LEU C 128 26.28 2.17 34.71
N THR C 129 27.16 2.10 35.70
CA THR C 129 26.99 1.26 36.88
C THR C 129 26.70 2.17 38.07
N GLY C 130 26.67 1.58 39.27
CA GLY C 130 26.41 2.31 40.49
C GLY C 130 24.94 2.28 40.83
N PRO C 131 24.55 3.01 41.87
CA PRO C 131 23.13 3.08 42.21
C PRO C 131 22.50 4.32 41.64
N ILE C 132 21.22 4.53 41.91
CA ILE C 132 20.56 5.80 41.60
C ILE C 132 20.88 6.73 42.76
N PRO C 133 21.75 7.71 42.58
CA PRO C 133 22.13 8.59 43.70
C PRO C 133 20.91 9.26 44.33
N ALA C 134 20.75 9.04 45.64
CA ALA C 134 19.61 9.57 46.37
C ALA C 134 19.58 11.08 46.39
N THR C 135 20.63 11.74 45.90
CA THR C 135 20.74 13.18 45.91
C THR C 135 20.04 13.83 44.71
N LEU C 136 19.16 13.08 44.04
CA LEU C 136 18.47 13.55 42.84
C LEU C 136 17.07 14.11 43.13
N THR C 137 16.49 13.79 44.29
CA THR C 137 15.29 14.51 44.69
C THR C 137 15.62 15.87 45.27
N GLN C 138 16.92 16.19 45.40
CA GLN C 138 17.33 17.54 45.75
C GLN C 138 17.07 18.52 44.61
N ILE C 139 17.14 18.04 43.37
CA ILE C 139 16.86 18.89 42.22
C ILE C 139 15.35 19.10 42.14
N PRO C 140 14.89 20.34 42.23
CA PRO C 140 13.44 20.60 42.32
C PRO C 140 12.75 20.66 40.97
N ASN C 141 13.51 20.95 39.91
CA ASN C 141 12.97 21.23 38.60
C ASN C 141 12.77 19.98 37.73
N LEU C 142 13.19 18.82 38.20
CA LEU C 142 13.25 17.62 37.36
C LEU C 142 11.87 17.15 36.95
N LYS C 143 11.64 17.05 35.64
CA LYS C 143 10.40 16.52 35.08
C LYS C 143 10.58 15.14 34.47
N THR C 144 11.63 14.94 33.68
CA THR C 144 11.84 13.70 32.93
C THR C 144 13.16 13.07 33.34
N LEU C 145 13.09 11.84 33.86
CA LEU C 145 14.27 11.06 34.22
C LEU C 145 14.22 9.73 33.46
N ASP C 146 15.14 9.57 32.52
CA ASP C 146 15.24 8.36 31.72
C ASP C 146 16.60 7.73 31.95
N LEU C 147 16.64 6.64 32.72
CA LEU C 147 17.84 5.87 32.95
C LEU C 147 17.78 4.49 32.32
N ALA C 148 16.79 4.25 31.45
CA ALA C 148 16.51 2.92 30.95
C ALA C 148 17.71 2.33 30.20
N ARG C 149 17.75 0.99 30.17
CA ARG C 149 18.80 0.23 29.49
C ARG C 149 20.20 0.68 29.95
N ASN C 150 20.45 0.42 31.23
CA ASN C 150 21.75 0.56 31.85
C ASN C 150 21.92 -0.62 32.80
N GLN C 151 22.92 -0.54 33.68
CA GLN C 151 23.11 -1.52 34.76
C GLN C 151 23.25 -0.75 36.06
N LEU C 152 22.13 -0.30 36.61
CA LEU C 152 22.13 0.32 37.92
C LEU C 152 21.64 -0.67 38.96
N THR C 153 21.95 -0.37 40.21
CA THR C 153 21.76 -1.33 41.29
C THR C 153 21.10 -0.63 42.46
N GLY C 154 20.77 -1.42 43.48
CA GLY C 154 20.16 -0.90 44.68
C GLY C 154 18.69 -0.55 44.45
N GLU C 155 18.03 -0.24 45.56
CA GLU C 155 16.60 0.01 45.49
C GLU C 155 16.34 1.33 44.80
N ILE C 156 15.06 1.58 44.52
CA ILE C 156 14.61 2.88 44.05
C ILE C 156 14.59 3.85 45.22
N PRO C 157 15.25 5.00 45.13
CA PRO C 157 15.25 5.95 46.24
C PRO C 157 13.83 6.34 46.63
N ARG C 158 13.54 6.17 47.92
CA ARG C 158 12.19 6.38 48.42
C ARG C 158 11.77 7.85 48.31
N LEU C 159 12.71 8.77 48.52
CA LEU C 159 12.35 10.19 48.53
C LEU C 159 11.94 10.67 47.14
N LEU C 160 12.46 10.04 46.09
CA LEU C 160 12.12 10.45 44.73
C LEU C 160 10.62 10.35 44.49
N TYR C 161 9.98 9.31 45.02
CA TYR C 161 8.54 9.12 44.80
C TYR C 161 7.73 10.33 45.23
N TRP C 162 8.29 11.18 46.08
CA TRP C 162 7.64 12.42 46.51
C TRP C 162 8.12 13.55 45.62
N ASN C 163 7.45 13.69 44.49
CA ASN C 163 7.71 14.76 43.53
C ASN C 163 6.41 14.98 42.78
N GLU C 164 5.87 16.20 42.90
CA GLU C 164 4.67 16.55 42.13
C GLU C 164 4.98 16.78 40.67
N VAL C 165 6.24 17.08 40.35
CA VAL C 165 6.59 17.57 39.03
C VAL C 165 6.85 16.42 38.05
N LEU C 166 7.51 15.36 38.51
CA LEU C 166 8.05 14.33 37.63
C LEU C 166 6.98 13.81 36.68
N GLN C 167 7.38 13.60 35.42
CA GLN C 167 6.46 13.25 34.34
C GLN C 167 6.75 11.89 33.73
N TYR C 168 8.01 11.64 33.36
CA TYR C 168 8.44 10.41 32.69
C TYR C 168 9.47 9.74 33.58
N LEU C 169 9.17 8.53 34.05
CA LEU C 169 10.14 7.78 34.85
C LEU C 169 10.42 6.47 34.14
N GLY C 170 11.59 6.41 33.48
CA GLY C 170 11.99 5.22 32.78
C GLY C 170 13.20 4.55 33.38
N LEU C 171 12.98 3.43 34.08
CA LEU C 171 14.04 2.64 34.69
C LEU C 171 14.21 1.29 33.99
N ARG C 172 13.59 1.13 32.82
CA ARG C 172 13.49 -0.15 32.14
C ARG C 172 14.86 -0.72 31.78
N GLY C 173 15.19 -1.87 32.36
CA GLY C 173 16.36 -2.64 31.97
C GLY C 173 17.44 -2.77 33.03
N ASN C 174 17.46 -1.92 34.04
CA ASN C 174 18.49 -2.02 35.07
C ASN C 174 18.23 -3.24 35.96
N MET C 175 19.09 -3.43 36.95
CA MET C 175 18.90 -4.48 37.95
C MET C 175 18.64 -3.78 39.27
N LEU C 176 17.38 -3.44 39.51
CA LEU C 176 17.00 -2.70 40.70
C LEU C 176 16.13 -3.62 41.55
N THR C 177 16.60 -3.94 42.74
CA THR C 177 15.81 -4.70 43.70
C THR C 177 14.94 -3.71 44.48
N GLY C 178 14.24 -4.20 45.49
CA GLY C 178 13.27 -3.42 46.24
C GLY C 178 11.87 -3.68 45.74
N THR C 179 10.92 -2.95 46.33
CA THR C 179 9.53 -3.15 46.01
C THR C 179 8.87 -1.84 45.62
N LEU C 180 7.76 -1.96 44.90
CA LEU C 180 6.89 -0.82 44.66
C LEU C 180 6.37 -0.28 45.97
N SER C 181 6.68 0.95 46.26
CA SER C 181 6.15 1.58 47.46
C SER C 181 4.81 2.25 47.17
N PRO C 182 3.91 2.30 48.16
CA PRO C 182 2.65 3.03 47.94
C PRO C 182 2.86 4.50 47.64
N ASP C 183 3.97 5.07 48.11
CA ASP C 183 4.37 6.46 47.85
C ASP C 183 4.42 6.74 46.35
N MET C 184 4.39 5.68 45.55
CA MET C 184 4.29 5.80 44.10
C MET C 184 3.11 6.67 43.67
N CYS C 185 2.01 6.66 44.42
CA CYS C 185 0.87 7.51 44.06
C CYS C 185 0.97 8.92 44.59
N GLN C 186 2.13 9.32 45.12
CA GLN C 186 2.39 10.72 45.43
C GLN C 186 3.14 11.42 44.31
N LEU C 187 3.37 10.73 43.21
CA LEU C 187 3.82 11.33 41.95
C LEU C 187 2.59 11.81 41.22
N THR C 188 2.28 13.09 41.34
CA THR C 188 1.02 13.62 40.84
C THR C 188 1.09 14.14 39.42
N GLY C 189 2.27 14.18 38.81
CA GLY C 189 2.37 14.64 37.44
C GLY C 189 2.94 13.59 36.50
N LEU C 190 3.23 12.41 37.03
CA LEU C 190 3.84 11.34 36.23
C LEU C 190 2.77 10.69 35.37
N TRP C 191 3.09 10.49 34.08
CA TRP C 191 2.19 9.82 33.16
C TRP C 191 2.78 8.56 32.53
N TYR C 192 4.03 8.20 32.87
CA TYR C 192 4.69 7.04 32.29
C TYR C 192 5.57 6.43 33.37
N PHE C 193 5.15 5.27 33.89
CA PHE C 193 5.90 4.59 34.95
C PHE C 193 6.41 3.26 34.41
N ASP C 194 7.72 3.16 34.23
CA ASP C 194 8.33 2.06 33.47
C ASP C 194 9.42 1.37 34.28
N VAL C 195 9.05 0.34 35.03
CA VAL C 195 10.00 -0.53 35.71
C VAL C 195 9.84 -1.92 35.12
N ARG C 196 10.58 -2.20 34.04
CA ARG C 196 10.52 -3.47 33.33
C ARG C 196 11.94 -3.99 33.14
N GLY C 197 12.11 -5.28 33.40
CA GLY C 197 13.42 -5.88 33.23
C GLY C 197 14.36 -5.68 34.40
N ASN C 198 13.83 -5.39 35.58
CA ASN C 198 14.66 -5.27 36.76
C ASN C 198 14.60 -6.58 37.54
N ASN C 199 15.36 -6.66 38.62
CA ASN C 199 15.30 -7.81 39.51
C ASN C 199 14.35 -7.54 40.68
N LEU C 200 13.38 -6.65 40.45
CA LEU C 200 12.46 -6.19 41.48
C LEU C 200 11.68 -7.33 42.12
N THR C 201 11.45 -7.23 43.44
CA THR C 201 10.59 -8.15 44.18
C THR C 201 9.44 -7.35 44.81
N GLY C 202 8.65 -8.01 45.65
CA GLY C 202 7.56 -7.36 46.35
C GLY C 202 6.18 -7.65 45.78
N THR C 203 5.23 -6.81 46.19
CA THR C 203 3.83 -6.92 45.77
C THR C 203 3.38 -5.63 45.09
N ILE C 204 2.21 -5.69 44.47
CA ILE C 204 1.52 -4.49 44.01
C ILE C 204 0.98 -3.76 45.23
N PRO C 205 1.33 -2.50 45.44
CA PRO C 205 0.71 -1.73 46.52
C PRO C 205 -0.80 -1.68 46.34
N GLU C 206 -1.52 -1.74 47.46
CA GLU C 206 -2.99 -1.66 47.40
C GLU C 206 -3.46 -0.25 47.07
N SER C 207 -2.64 0.77 47.30
CA SER C 207 -2.97 2.14 46.94
C SER C 207 -2.74 2.45 45.47
N ILE C 208 -2.50 1.42 44.64
CA ILE C 208 -2.18 1.66 43.23
C ILE C 208 -3.34 2.35 42.50
N GLY C 209 -4.56 2.15 42.97
CA GLY C 209 -5.72 2.74 42.32
C GLY C 209 -5.85 4.25 42.42
N ASN C 210 -5.23 4.85 43.44
CA ASN C 210 -5.32 6.29 43.67
C ASN C 210 -4.36 7.07 42.75
N CYS C 211 -3.84 6.42 41.71
CA CYS C 211 -2.92 7.02 40.75
C CYS C 211 -3.63 7.34 39.43
N THR C 212 -4.63 8.22 39.49
CA THR C 212 -5.38 8.51 38.27
C THR C 212 -4.55 9.27 37.24
N SER C 213 -3.40 9.83 37.65
CA SER C 213 -2.55 10.58 36.74
C SER C 213 -1.73 9.69 35.81
N PHE C 214 -1.76 8.37 35.97
CA PHE C 214 -0.94 7.47 35.17
C PHE C 214 -1.65 7.09 33.87
N GLU C 215 -0.93 7.20 32.75
CA GLU C 215 -1.44 6.77 31.45
C GLU C 215 -0.84 5.44 30.99
N ILE C 216 0.44 5.20 31.25
CA ILE C 216 1.09 3.95 30.89
C ILE C 216 1.79 3.39 32.12
N LEU C 217 1.39 2.19 32.54
CA LEU C 217 1.95 1.52 33.72
C LEU C 217 2.51 0.17 33.27
N ASP C 218 3.85 0.05 33.28
CA ASP C 218 4.55 -1.12 32.75
C ASP C 218 5.43 -1.68 33.86
N VAL C 219 4.99 -2.76 34.48
CA VAL C 219 5.73 -3.44 35.54
C VAL C 219 6.23 -4.81 35.07
N SER C 220 6.24 -5.03 33.76
CA SER C 220 6.41 -6.37 33.23
C SER C 220 7.83 -6.89 33.42
N TYR C 221 7.93 -8.23 33.48
CA TYR C 221 9.20 -8.96 33.48
C TYR C 221 10.05 -8.60 34.70
N ASN C 222 9.42 -8.71 35.88
CA ASN C 222 10.08 -8.66 37.18
C ASN C 222 9.61 -9.85 37.99
N GLN C 223 10.07 -9.91 39.25
CA GLN C 223 9.70 -10.97 40.17
C GLN C 223 8.56 -10.56 41.11
N ILE C 224 7.71 -9.62 40.69
CA ILE C 224 6.63 -9.14 41.55
C ILE C 224 5.60 -10.24 41.73
N THR C 225 5.14 -10.41 42.98
CA THR C 225 4.11 -11.40 43.31
C THR C 225 2.91 -10.71 43.95
N GLY C 226 1.95 -11.52 44.39
CA GLY C 226 0.70 -10.99 44.91
C GLY C 226 -0.43 -11.09 43.90
N VAL C 227 -1.63 -10.79 44.37
CA VAL C 227 -2.80 -10.74 43.50
C VAL C 227 -2.84 -9.37 42.82
N ILE C 228 -3.69 -9.22 41.82
CA ILE C 228 -3.95 -7.92 41.20
C ILE C 228 -5.02 -7.22 42.04
N PRO C 229 -4.71 -6.11 42.69
CA PRO C 229 -5.67 -5.50 43.63
C PRO C 229 -6.90 -4.98 42.92
N TYR C 230 -7.98 -4.85 43.71
CA TYR C 230 -9.21 -4.21 43.22
C TYR C 230 -8.94 -2.80 42.73
N ASN C 231 -8.15 -2.03 43.49
CA ASN C 231 -7.90 -0.63 43.19
C ASN C 231 -7.38 -0.42 41.77
N ILE C 232 -6.80 -1.45 41.15
CA ILE C 232 -6.23 -1.37 39.80
C ILE C 232 -7.30 -0.87 38.85
N GLY C 233 -8.58 -1.00 39.24
CA GLY C 233 -9.70 -0.59 38.43
C GLY C 233 -10.01 0.89 38.38
N PHE C 234 -9.29 1.73 39.12
CA PHE C 234 -9.46 3.17 39.06
C PHE C 234 -8.48 3.85 38.10
N LEU C 235 -7.54 3.08 37.55
CA LEU C 235 -6.44 3.67 36.81
C LEU C 235 -6.92 4.21 35.47
N GLN C 236 -6.52 5.43 35.16
CA GLN C 236 -6.77 6.05 33.87
C GLN C 236 -5.76 5.60 32.81
N VAL C 237 -5.11 4.46 33.04
CA VAL C 237 -4.01 4.04 32.20
C VAL C 237 -4.52 3.77 30.79
N ALA C 238 -3.75 4.23 29.81
CA ALA C 238 -3.99 3.83 28.43
C ALA C 238 -3.45 2.43 28.17
N THR C 239 -2.21 2.18 28.62
CA THR C 239 -1.59 0.86 28.51
C THR C 239 -1.29 0.31 29.89
N LEU C 240 -1.71 -0.93 30.14
CA LEU C 240 -1.51 -1.62 31.41
C LEU C 240 -0.83 -2.94 31.10
N SER C 241 0.46 -3.04 31.44
CA SER C 241 1.29 -4.19 31.07
C SER C 241 1.72 -4.89 32.35
N LEU C 242 1.08 -6.02 32.65
CA LEU C 242 1.36 -6.80 33.85
C LEU C 242 2.01 -8.14 33.54
N GLN C 243 2.50 -8.33 32.31
CA GLN C 243 2.90 -9.65 31.86
C GLN C 243 4.25 -10.04 32.44
N GLY C 244 4.47 -11.36 32.52
CA GLY C 244 5.76 -11.88 32.88
C GLY C 244 6.16 -11.68 34.32
N ASN C 245 5.21 -11.55 35.22
CA ASN C 245 5.45 -11.53 36.66
C ASN C 245 4.92 -12.81 37.27
N LYS C 246 4.99 -12.91 38.59
CA LYS C 246 4.53 -14.09 39.30
C LYS C 246 3.19 -13.87 39.98
N LEU C 247 2.37 -12.96 39.44
CA LEU C 247 1.09 -12.65 40.06
C LEU C 247 0.20 -13.88 40.10
N THR C 248 -0.42 -14.13 41.25
CA THR C 248 -1.31 -15.25 41.43
C THR C 248 -2.74 -14.73 41.56
N GLY C 249 -3.65 -15.61 41.95
CA GLY C 249 -5.03 -15.21 42.06
C GLY C 249 -5.69 -15.10 40.71
N ARG C 250 -6.91 -14.56 40.72
CA ARG C 250 -7.74 -14.43 39.54
C ARG C 250 -7.60 -13.04 38.93
N ILE C 251 -8.36 -12.81 37.87
CA ILE C 251 -8.35 -11.54 37.14
C ILE C 251 -9.47 -10.66 37.69
N PRO C 252 -9.17 -9.52 38.30
CA PRO C 252 -10.23 -8.69 38.89
C PRO C 252 -11.25 -8.26 37.85
N GLU C 253 -12.53 -8.55 38.14
CA GLU C 253 -13.61 -8.17 37.23
C GLU C 253 -13.70 -6.66 37.00
N VAL C 254 -13.18 -5.85 37.92
CA VAL C 254 -13.36 -4.41 37.83
C VAL C 254 -12.52 -3.79 36.73
N ILE C 255 -11.47 -4.49 36.27
CA ILE C 255 -10.74 -4.04 35.08
C ILE C 255 -11.65 -4.00 33.87
N GLY C 256 -12.78 -4.70 33.93
CA GLY C 256 -13.77 -4.55 32.88
C GLY C 256 -14.14 -3.10 32.66
N LEU C 257 -14.30 -2.34 33.74
CA LEU C 257 -14.76 -0.97 33.62
C LEU C 257 -13.64 0.00 33.30
N MET C 258 -12.51 -0.50 32.83
CA MET C 258 -11.32 0.30 32.59
C MET C 258 -11.15 0.53 31.09
N GLN C 259 -12.04 1.33 30.53
CA GLN C 259 -12.06 1.50 29.08
C GLN C 259 -10.98 2.43 28.58
N ALA C 260 -10.29 3.14 29.47
CA ALA C 260 -9.13 3.92 29.05
C ALA C 260 -7.99 3.02 28.59
N LEU C 261 -8.07 1.72 28.90
CA LEU C 261 -7.09 0.76 28.41
C LEU C 261 -7.09 0.72 26.89
N ALA C 262 -5.92 0.90 26.29
CA ALA C 262 -5.70 0.52 24.91
C ALA C 262 -5.07 -0.85 24.78
N VAL C 263 -4.09 -1.17 25.62
CA VAL C 263 -3.36 -2.43 25.56
C VAL C 263 -3.36 -3.03 26.97
N LEU C 264 -3.94 -4.23 27.10
CA LEU C 264 -3.99 -4.92 28.39
C LEU C 264 -3.25 -6.24 28.26
N ASP C 265 -2.14 -6.37 29.00
CA ASP C 265 -1.28 -7.54 28.89
C ASP C 265 -1.10 -8.18 30.26
N LEU C 266 -1.57 -9.42 30.39
CA LEU C 266 -1.46 -10.19 31.63
C LEU C 266 -0.72 -11.51 31.44
N SER C 267 0.09 -11.61 30.38
CA SER C 267 0.58 -12.91 29.93
C SER C 267 1.74 -13.41 30.79
N ASP C 268 2.00 -14.71 30.67
CA ASP C 268 3.13 -15.42 31.30
C ASP C 268 3.07 -15.39 32.82
N ASN C 269 1.94 -14.99 33.40
CA ASN C 269 1.76 -14.97 34.84
C ASN C 269 1.21 -16.33 35.29
N GLU C 270 0.94 -16.46 36.59
CA GLU C 270 0.40 -17.69 37.15
C GLU C 270 -1.09 -17.57 37.46
N LEU C 271 -1.77 -16.59 36.87
CA LEU C 271 -3.18 -16.37 37.12
C LEU C 271 -4.02 -17.60 36.75
N THR C 272 -5.03 -17.87 37.56
CA THR C 272 -5.97 -18.97 37.37
C THR C 272 -7.39 -18.41 37.33
N GLY C 273 -8.37 -19.32 37.26
CA GLY C 273 -9.75 -18.95 37.20
C GLY C 273 -10.21 -18.58 35.80
N PRO C 274 -11.52 -18.43 35.62
CA PRO C 274 -12.08 -18.24 34.28
C PRO C 274 -11.79 -16.85 33.74
N ILE C 275 -12.07 -16.69 32.45
CA ILE C 275 -12.01 -15.40 31.75
C ILE C 275 -13.27 -14.60 32.11
N PRO C 276 -13.12 -13.43 32.73
CA PRO C 276 -14.30 -12.63 33.13
C PRO C 276 -15.10 -12.15 31.92
N PRO C 277 -16.38 -12.48 31.83
CA PRO C 277 -17.19 -12.00 30.68
C PRO C 277 -17.34 -10.48 30.64
N ILE C 278 -17.26 -9.81 31.79
CA ILE C 278 -17.43 -8.35 31.85
C ILE C 278 -16.47 -7.63 30.92
N LEU C 279 -15.32 -8.25 30.63
CA LEU C 279 -14.36 -7.67 29.70
C LEU C 279 -14.96 -7.36 28.33
N GLY C 280 -16.22 -7.74 28.10
CA GLY C 280 -16.84 -7.36 26.85
C GLY C 280 -17.08 -5.87 26.68
N ASN C 281 -16.93 -5.06 27.74
CA ASN C 281 -17.27 -3.64 27.62
C ASN C 281 -16.07 -2.74 27.33
N LEU C 282 -14.84 -3.27 27.25
CA LEU C 282 -13.67 -2.46 26.89
C LEU C 282 -13.49 -2.48 25.37
N SER C 283 -14.41 -1.82 24.69
CA SER C 283 -14.49 -1.90 23.24
C SER C 283 -13.47 -1.01 22.53
N PHE C 284 -12.65 -0.27 23.27
CA PHE C 284 -11.64 0.58 22.66
C PHE C 284 -10.25 -0.01 22.75
N THR C 285 -10.08 -1.07 23.55
CA THR C 285 -8.80 -1.72 23.71
C THR C 285 -8.41 -2.43 22.42
N GLY C 286 -7.12 -2.34 22.07
CA GLY C 286 -6.62 -2.93 20.85
C GLY C 286 -5.92 -4.26 21.01
N LYS C 287 -5.15 -4.43 22.08
CA LYS C 287 -4.37 -5.65 22.31
C LYS C 287 -4.81 -6.30 23.61
N LEU C 288 -5.21 -7.57 23.55
CA LEU C 288 -5.50 -8.36 24.75
C LEU C 288 -4.59 -9.57 24.78
N TYR C 289 -3.68 -9.60 25.75
CA TYR C 289 -2.70 -10.69 25.86
C TYR C 289 -2.87 -11.37 27.21
N LEU C 290 -3.35 -12.62 27.17
CA LEU C 290 -3.63 -13.38 28.38
C LEU C 290 -2.92 -14.72 28.42
N HIS C 291 -1.90 -14.92 27.57
CA HIS C 291 -1.35 -16.26 27.36
C HIS C 291 -0.34 -16.62 28.45
N GLY C 292 0.01 -17.90 28.50
CA GLY C 292 1.05 -18.38 29.40
C GLY C 292 0.63 -18.56 30.84
N ASN C 293 -0.65 -18.50 31.14
CA ASN C 293 -1.15 -18.55 32.50
C ASN C 293 -1.74 -19.92 32.80
N LYS C 294 -2.36 -20.05 33.98
CA LYS C 294 -3.04 -21.27 34.39
C LYS C 294 -4.55 -21.13 34.28
N LEU C 295 -5.02 -20.28 33.38
CA LEU C 295 -6.45 -19.96 33.30
C LEU C 295 -7.27 -21.16 32.85
N THR C 296 -8.41 -21.35 33.51
CA THR C 296 -9.38 -22.40 33.21
C THR C 296 -10.65 -21.77 32.62
N GLY C 297 -11.70 -22.57 32.49
CA GLY C 297 -12.97 -22.11 31.98
C GLY C 297 -13.09 -22.15 30.48
N GLN C 298 -14.21 -21.62 30.00
CA GLN C 298 -14.53 -21.56 28.58
C GLN C 298 -14.15 -20.19 28.01
N ILE C 299 -14.33 -20.03 26.70
CA ILE C 299 -14.12 -18.77 26.03
C ILE C 299 -15.48 -18.05 25.97
N PRO C 300 -15.68 -17.00 26.76
CA PRO C 300 -16.98 -16.31 26.77
C PRO C 300 -17.21 -15.56 25.47
N PRO C 301 -18.37 -15.73 24.84
CA PRO C 301 -18.64 -15.03 23.57
C PRO C 301 -18.60 -13.52 23.68
N GLU C 302 -18.64 -12.95 24.90
CA GLU C 302 -18.63 -11.50 25.06
C GLU C 302 -17.38 -10.85 24.47
N LEU C 303 -16.31 -11.61 24.27
CA LEU C 303 -15.12 -11.04 23.63
C LEU C 303 -15.39 -10.60 22.20
N GLY C 304 -16.46 -11.12 21.58
CA GLY C 304 -16.84 -10.62 20.27
C GLY C 304 -17.29 -9.17 20.30
N ASN C 305 -17.58 -8.63 21.48
CA ASN C 305 -18.05 -7.27 21.68
C ASN C 305 -16.92 -6.24 21.75
N MET C 306 -15.66 -6.67 21.79
CA MET C 306 -14.50 -5.77 21.82
C MET C 306 -14.18 -5.35 20.39
N SER C 307 -14.91 -4.35 19.90
CA SER C 307 -14.87 -4.04 18.47
C SER C 307 -13.48 -3.63 18.03
N ARG C 308 -12.77 -2.84 18.84
CA ARG C 308 -11.50 -2.27 18.42
C ARG C 308 -10.31 -3.14 18.83
N LEU C 309 -10.54 -4.43 19.08
CA LEU C 309 -9.49 -5.38 19.43
C LEU C 309 -8.94 -6.01 18.16
N SER C 310 -7.61 -6.05 18.06
CA SER C 310 -6.95 -6.58 16.88
C SER C 310 -6.05 -7.78 17.16
N TYR C 311 -5.56 -7.94 18.38
CA TYR C 311 -4.70 -9.05 18.76
C TYR C 311 -5.27 -9.74 19.98
N LEU C 312 -5.69 -11.00 19.82
CA LEU C 312 -6.18 -11.80 20.93
C LEU C 312 -5.23 -12.98 21.13
N GLN C 313 -4.57 -13.04 22.28
CA GLN C 313 -3.67 -14.15 22.57
C GLN C 313 -4.08 -14.82 23.87
N LEU C 314 -4.55 -16.06 23.76
CA LEU C 314 -4.99 -16.85 24.90
C LEU C 314 -4.20 -18.15 25.05
N ASN C 315 -3.03 -18.24 24.42
CA ASN C 315 -2.33 -19.52 24.33
C ASN C 315 -1.73 -19.91 25.68
N ASP C 316 -1.23 -21.16 25.73
CA ASP C 316 -0.53 -21.69 26.91
C ASP C 316 -1.39 -21.60 28.18
N ASN C 317 -2.65 -22.02 28.06
CA ASN C 317 -3.52 -22.06 29.22
C ASN C 317 -4.22 -23.40 29.36
N GLU C 318 -5.24 -23.45 30.23
CA GLU C 318 -5.98 -24.68 30.50
C GLU C 318 -7.46 -24.55 30.14
N LEU C 319 -7.80 -23.64 29.23
CA LEU C 319 -9.18 -23.43 28.83
C LEU C 319 -9.78 -24.68 28.18
N VAL C 320 -11.11 -24.75 28.20
CA VAL C 320 -11.87 -25.85 27.61
C VAL C 320 -13.00 -25.26 26.78
N GLY C 321 -13.83 -26.15 26.22
CA GLY C 321 -15.02 -25.76 25.50
C GLY C 321 -14.81 -25.51 24.02
N LYS C 322 -15.94 -25.36 23.33
CA LYS C 322 -15.99 -25.08 21.90
C LYS C 322 -15.43 -23.68 21.61
N ILE C 323 -15.04 -23.46 20.37
CA ILE C 323 -14.70 -22.12 19.91
C ILE C 323 -15.99 -21.38 19.62
N PRO C 324 -16.27 -20.27 20.29
CA PRO C 324 -17.53 -19.56 20.06
C PRO C 324 -17.52 -18.86 18.73
N PRO C 325 -18.66 -18.83 18.03
CA PRO C 325 -18.71 -18.19 16.71
C PRO C 325 -18.77 -16.68 16.78
N GLU C 326 -19.05 -16.11 17.95
CA GLU C 326 -19.18 -14.65 18.08
C GLU C 326 -17.87 -13.92 17.79
N LEU C 327 -16.73 -14.62 17.76
CA LEU C 327 -15.51 -13.98 17.29
C LEU C 327 -15.66 -13.51 15.83
N GLY C 328 -16.59 -14.11 15.09
CA GLY C 328 -16.93 -13.64 13.75
C GLY C 328 -17.48 -12.23 13.72
N LYS C 329 -17.77 -11.65 14.88
CA LYS C 329 -18.14 -10.25 14.99
C LYS C 329 -16.93 -9.33 15.03
N LEU C 330 -15.72 -9.89 15.04
CA LEU C 330 -14.50 -9.12 15.29
C LEU C 330 -13.88 -8.68 13.95
N GLU C 331 -14.59 -7.79 13.26
CA GLU C 331 -14.20 -7.42 11.91
C GLU C 331 -12.84 -6.71 11.85
N GLN C 332 -12.26 -6.33 12.98
CA GLN C 332 -10.91 -5.76 13.04
C GLN C 332 -9.89 -6.71 13.66
N LEU C 333 -10.13 -8.03 13.61
CA LEU C 333 -9.22 -8.97 14.26
C LEU C 333 -8.06 -9.31 13.33
N PHE C 334 -6.85 -9.35 13.91
CA PHE C 334 -5.63 -9.63 13.15
C PHE C 334 -4.98 -10.95 13.55
N GLU C 335 -4.66 -11.14 14.82
CA GLU C 335 -3.95 -12.32 15.29
C GLU C 335 -4.83 -13.06 16.30
N LEU C 336 -5.01 -14.36 16.10
CA LEU C 336 -5.78 -15.16 17.05
C LEU C 336 -4.90 -16.33 17.46
N ASN C 337 -4.50 -16.33 18.74
CA ASN C 337 -3.54 -17.31 19.27
C ASN C 337 -4.23 -18.06 20.39
N LEU C 338 -4.56 -19.33 20.14
CA LEU C 338 -5.31 -20.15 21.07
C LEU C 338 -4.52 -21.41 21.43
N ALA C 339 -3.20 -21.34 21.36
CA ALA C 339 -2.37 -22.53 21.35
C ALA C 339 -2.26 -23.13 22.75
N ASN C 340 -1.97 -24.43 22.78
CA ASN C 340 -1.61 -25.14 24.00
C ASN C 340 -2.70 -25.03 25.06
N ASN C 341 -3.95 -25.12 24.62
CA ASN C 341 -5.09 -25.21 25.52
C ASN C 341 -5.76 -26.57 25.32
N ASN C 342 -6.98 -26.69 25.83
CA ASN C 342 -7.72 -27.95 25.78
C ASN C 342 -9.07 -27.79 25.07
N LEU C 343 -9.14 -26.92 24.07
CA LEU C 343 -10.40 -26.68 23.37
C LEU C 343 -10.80 -27.88 22.52
N VAL C 344 -12.11 -28.08 22.38
CA VAL C 344 -12.69 -29.15 21.57
C VAL C 344 -13.71 -28.54 20.62
N GLY C 345 -14.33 -29.39 19.82
CA GLY C 345 -15.38 -28.96 18.91
C GLY C 345 -14.87 -28.47 17.57
N LEU C 346 -15.79 -27.87 16.82
CA LEU C 346 -15.55 -27.47 15.44
C LEU C 346 -14.91 -26.09 15.36
N ILE C 347 -14.37 -25.80 14.18
CA ILE C 347 -13.96 -24.45 13.82
C ILE C 347 -15.19 -23.77 13.19
N PRO C 348 -15.66 -22.66 13.75
CA PRO C 348 -16.95 -22.11 13.30
C PRO C 348 -16.86 -21.50 11.91
N SER C 349 -17.92 -21.72 11.15
CA SER C 349 -18.03 -21.23 9.79
C SER C 349 -18.31 -19.74 9.77
N ASN C 350 -18.57 -19.19 10.95
CA ASN C 350 -18.83 -17.77 11.09
C ASN C 350 -17.57 -17.05 11.50
N ILE C 351 -16.45 -17.74 11.50
CA ILE C 351 -15.18 -17.14 11.86
C ILE C 351 -14.47 -16.67 10.62
N SER C 352 -15.04 -16.91 9.46
CA SER C 352 -14.38 -16.49 8.25
C SER C 352 -14.94 -15.15 7.87
N SER C 353 -15.26 -14.35 8.87
CA SER C 353 -15.81 -13.06 8.55
C SER C 353 -14.92 -11.95 9.05
N CYS C 354 -13.70 -12.29 9.43
CA CYS C 354 -12.78 -11.27 9.84
C CYS C 354 -11.77 -11.25 8.74
N ALA C 355 -11.97 -10.38 7.76
CA ALA C 355 -11.07 -10.28 6.64
C ALA C 355 -9.65 -10.07 7.08
N ALA C 356 -9.38 -8.97 7.75
CA ALA C 356 -8.03 -8.74 8.20
C ALA C 356 -7.77 -9.76 9.25
N LEU C 357 -7.04 -10.79 8.88
CA LEU C 357 -6.73 -11.85 9.79
C LEU C 357 -5.46 -12.44 9.29
N ASN C 358 -4.35 -11.96 9.81
CA ASN C 358 -3.07 -12.47 9.39
C ASN C 358 -2.80 -13.86 9.94
N GLN C 359 -2.46 -13.95 11.20
CA GLN C 359 -2.10 -15.22 11.79
C GLN C 359 -3.20 -15.90 12.57
N PHE C 360 -3.37 -17.20 12.36
CA PHE C 360 -4.35 -18.01 13.06
C PHE C 360 -3.66 -19.26 13.58
N ASN C 361 -3.63 -19.40 14.91
CA ASN C 361 -2.79 -20.39 15.57
C ASN C 361 -3.61 -21.10 16.64
N VAL C 362 -3.97 -22.35 16.35
CA VAL C 362 -4.72 -23.20 17.27
C VAL C 362 -3.96 -24.50 17.57
N HIS C 363 -2.64 -24.49 17.40
CA HIS C 363 -1.84 -25.69 17.61
C HIS C 363 -1.96 -26.17 19.05
N GLY C 364 -1.89 -27.49 19.22
CA GLY C 364 -1.81 -28.07 20.54
C GLY C 364 -3.12 -28.24 21.29
N ASN C 365 -4.25 -28.27 20.58
CA ASN C 365 -5.54 -28.46 21.22
C ASN C 365 -6.19 -29.75 20.70
N PHE C 366 -7.49 -29.91 20.97
CA PHE C 366 -8.21 -31.15 20.74
C PHE C 366 -9.37 -30.98 19.76
N LEU C 367 -9.23 -30.06 18.82
CA LEU C 367 -10.31 -29.76 17.87
C LEU C 367 -10.61 -30.96 16.96
N SER C 368 -11.87 -31.05 16.53
CA SER C 368 -12.39 -32.13 15.69
C SER C 368 -12.99 -31.56 14.40
N GLY C 369 -13.61 -32.44 13.61
CA GLY C 369 -14.32 -32.06 12.41
C GLY C 369 -13.46 -31.64 11.24
N ALA C 370 -14.09 -31.42 10.09
CA ALA C 370 -13.38 -31.05 8.87
C ALA C 370 -12.97 -29.58 8.92
N VAL C 371 -12.39 -29.10 7.84
CA VAL C 371 -11.91 -27.71 7.75
C VAL C 371 -12.92 -26.92 6.93
N PRO C 372 -13.44 -25.81 7.44
CA PRO C 372 -14.43 -25.05 6.68
C PRO C 372 -13.80 -24.37 5.48
N LEU C 373 -14.55 -24.31 4.38
CA LEU C 373 -14.00 -23.83 3.12
C LEU C 373 -13.95 -22.30 3.05
N GLU C 374 -14.83 -21.61 3.78
CA GLU C 374 -14.93 -20.16 3.73
C GLU C 374 -13.64 -19.48 4.21
N PHE C 375 -12.63 -20.27 4.59
CA PHE C 375 -11.29 -19.72 4.79
C PHE C 375 -10.76 -19.06 3.52
N ARG C 376 -11.39 -19.36 2.38
CA ARG C 376 -11.08 -18.70 1.12
C ARG C 376 -11.46 -17.21 1.10
N ASN C 377 -12.21 -16.72 2.09
CA ASN C 377 -12.50 -15.29 2.19
C ASN C 377 -11.47 -14.53 3.02
N LEU C 378 -10.51 -15.23 3.63
CA LEU C 378 -9.39 -14.61 4.34
C LEU C 378 -8.21 -14.47 3.39
N GLY C 379 -8.23 -13.40 2.59
CA GLY C 379 -7.16 -13.19 1.63
C GLY C 379 -5.85 -12.75 2.24
N SER C 380 -5.90 -11.99 3.33
CA SER C 380 -4.69 -11.49 4.00
C SER C 380 -4.06 -12.51 4.95
N LEU C 381 -4.54 -13.76 4.95
CA LEU C 381 -4.04 -14.79 5.86
C LEU C 381 -2.60 -15.16 5.51
N THR C 382 -1.66 -14.77 6.38
CA THR C 382 -0.25 -15.06 6.16
C THR C 382 0.28 -16.24 6.98
N TYR C 383 -0.48 -16.73 7.95
CA TYR C 383 0.03 -17.73 8.88
C TYR C 383 -1.12 -18.62 9.31
N LEU C 384 -0.95 -19.94 9.10
CA LEU C 384 -2.01 -20.87 9.43
C LEU C 384 -1.37 -22.07 10.10
N ASN C 385 -1.59 -22.24 11.41
CA ASN C 385 -1.01 -23.36 12.16
C ASN C 385 -2.15 -24.10 12.85
N LEU C 386 -2.45 -25.31 12.36
CA LEU C 386 -3.49 -26.17 12.90
C LEU C 386 -2.92 -27.47 13.47
N SER C 387 -1.63 -27.49 13.77
CA SER C 387 -0.94 -28.74 14.05
C SER C 387 -1.42 -29.38 15.36
N SER C 388 -1.23 -30.70 15.44
CA SER C 388 -1.46 -31.47 16.66
C SER C 388 -2.94 -31.41 17.09
N ASN C 389 -3.81 -31.80 16.18
CA ASN C 389 -5.25 -31.84 16.43
C ASN C 389 -5.83 -33.07 15.73
N SER C 390 -7.16 -33.13 15.64
CA SER C 390 -7.85 -34.30 15.09
C SER C 390 -8.62 -33.99 13.81
N PHE C 391 -8.20 -32.97 13.05
CA PHE C 391 -8.96 -32.55 11.87
C PHE C 391 -9.08 -33.66 10.83
N LYS C 392 -10.26 -33.72 10.21
CA LYS C 392 -10.67 -34.74 9.25
C LYS C 392 -10.95 -34.11 7.89
N GLY C 393 -11.37 -34.96 6.95
CA GLY C 393 -11.74 -34.53 5.61
C GLY C 393 -10.57 -34.18 4.72
N LYS C 394 -10.83 -33.96 3.44
CA LYS C 394 -9.75 -33.67 2.52
C LYS C 394 -9.18 -32.28 2.80
N ILE C 395 -8.03 -32.02 2.20
CA ILE C 395 -7.47 -30.68 2.24
C ILE C 395 -8.28 -29.87 1.24
N PRO C 396 -9.02 -28.85 1.68
CA PRO C 396 -9.78 -28.03 0.73
C PRO C 396 -8.85 -27.39 -0.29
N ALA C 397 -9.18 -27.57 -1.57
CA ALA C 397 -8.33 -26.99 -2.61
C ALA C 397 -8.27 -25.49 -2.49
N GLU C 398 -9.30 -24.89 -1.90
CA GLU C 398 -9.40 -23.46 -1.70
C GLU C 398 -8.27 -22.88 -0.86
N LEU C 399 -7.50 -23.73 -0.17
CA LEU C 399 -6.34 -23.23 0.57
C LEU C 399 -5.21 -22.79 -0.34
N GLY C 400 -5.32 -23.00 -1.65
CA GLY C 400 -4.26 -22.59 -2.56
C GLY C 400 -4.32 -21.17 -3.04
N HIS C 401 -5.49 -20.53 -2.94
CA HIS C 401 -5.68 -19.17 -3.43
C HIS C 401 -5.49 -18.12 -2.33
N ILE C 402 -4.87 -18.50 -1.23
CA ILE C 402 -4.66 -17.53 -0.18
C ILE C 402 -3.26 -17.10 -0.41
N ILE C 403 -3.04 -16.63 -1.62
CA ILE C 403 -1.73 -16.22 -2.10
C ILE C 403 -0.62 -15.71 -1.20
N ASN C 404 -0.88 -14.96 -0.15
CA ASN C 404 0.24 -14.49 0.66
C ASN C 404 0.62 -15.40 1.81
N LEU C 405 0.17 -16.64 1.80
CA LEU C 405 0.49 -17.55 2.89
C LEU C 405 1.97 -17.74 3.00
N ASP C 406 2.51 -17.61 4.20
CA ASP C 406 3.94 -17.78 4.36
C ASP C 406 4.29 -19.09 5.04
N THR C 407 3.44 -19.57 5.92
CA THR C 407 3.58 -20.84 6.63
C THR C 407 2.23 -21.54 6.75
N LEU C 408 2.24 -22.84 6.45
CA LEU C 408 1.02 -23.66 6.50
C LEU C 408 1.39 -24.94 7.22
N ASP C 409 0.82 -25.13 8.41
CA ASP C 409 1.15 -26.23 9.32
C ASP C 409 -0.11 -27.04 9.58
N LEU C 410 -0.19 -28.24 8.99
CA LEU C 410 -1.32 -29.15 9.15
C LEU C 410 -0.92 -30.47 9.80
N SER C 411 0.24 -30.51 10.48
CA SER C 411 0.77 -31.78 10.93
C SER C 411 -0.05 -32.31 12.12
N GLY C 412 0.26 -33.53 12.52
CA GLY C 412 -0.33 -34.10 13.72
C GLY C 412 -1.83 -34.32 13.67
N ASN C 413 -2.40 -34.51 12.49
CA ASN C 413 -3.85 -34.59 12.34
C ASN C 413 -4.24 -35.91 11.67
N ASN C 414 -5.53 -36.01 11.31
CA ASN C 414 -6.09 -37.18 10.63
C ASN C 414 -6.54 -36.86 9.21
N PHE C 415 -5.91 -35.88 8.55
CA PHE C 415 -6.28 -35.51 7.19
C PHE C 415 -6.16 -36.69 6.24
N SER C 416 -7.10 -36.80 5.30
CA SER C 416 -7.17 -37.87 4.33
C SER C 416 -7.29 -37.29 2.93
N GLY C 417 -7.34 -38.17 1.94
CA GLY C 417 -7.48 -37.76 0.56
C GLY C 417 -6.18 -37.27 -0.04
N SER C 418 -6.15 -37.24 -1.38
CA SER C 418 -4.93 -36.84 -2.05
C SER C 418 -4.66 -35.34 -1.82
N ILE C 419 -3.45 -34.93 -2.17
CA ILE C 419 -3.02 -33.55 -1.93
C ILE C 419 -3.60 -32.66 -3.03
N PRO C 420 -4.23 -31.54 -2.68
CA PRO C 420 -4.77 -30.66 -3.72
C PRO C 420 -3.67 -30.12 -4.62
N LEU C 421 -3.91 -30.18 -5.93
CA LEU C 421 -2.98 -29.60 -6.89
C LEU C 421 -2.88 -28.10 -6.69
N THR C 422 -3.98 -27.48 -6.26
CA THR C 422 -4.06 -26.04 -6.05
C THR C 422 -3.12 -25.53 -4.97
N LEU C 423 -2.47 -26.42 -4.22
CA LEU C 423 -1.43 -26.00 -3.28
C LEU C 423 -0.17 -25.52 -3.99
N GLY C 424 -0.11 -25.59 -5.32
CA GLY C 424 1.07 -25.15 -6.03
C GLY C 424 1.24 -23.65 -6.16
N ASP C 425 0.18 -22.87 -5.92
CA ASP C 425 0.16 -21.45 -6.25
C ASP C 425 0.44 -20.54 -5.05
N LEU C 426 1.15 -21.03 -4.03
CA LEU C 426 1.64 -20.17 -2.95
C LEU C 426 3.11 -19.84 -3.22
N GLU C 427 3.34 -18.80 -4.01
CA GLU C 427 4.71 -18.39 -4.32
C GLU C 427 5.47 -17.95 -3.07
N HIS C 428 4.79 -17.21 -2.19
CA HIS C 428 5.42 -16.68 -0.98
C HIS C 428 5.49 -17.68 0.16
N LEU C 429 5.08 -18.92 -0.08
CA LEU C 429 5.15 -19.95 0.94
C LEU C 429 6.60 -20.33 1.24
N LEU C 430 6.91 -20.49 2.53
CA LEU C 430 8.23 -20.92 2.97
C LEU C 430 8.24 -22.29 3.63
N ILE C 431 7.22 -22.60 4.43
CA ILE C 431 7.20 -23.80 5.26
C ILE C 431 5.86 -24.49 5.06
N LEU C 432 5.92 -25.72 4.54
CA LEU C 432 4.72 -26.52 4.30
C LEU C 432 4.90 -27.83 5.06
N ASN C 433 4.15 -27.98 6.16
CA ASN C 433 4.26 -29.18 7.01
C ASN C 433 2.93 -29.92 6.96
N LEU C 434 2.93 -31.06 6.27
CA LEU C 434 1.77 -31.93 6.15
C LEU C 434 2.01 -33.26 6.85
N SER C 435 3.01 -33.31 7.72
CA SER C 435 3.52 -34.57 8.23
C SER C 435 2.56 -35.19 9.23
N ARG C 436 2.82 -36.46 9.54
CA ARG C 436 2.12 -37.20 10.60
C ARG C 436 0.60 -37.21 10.38
N ASN C 437 0.19 -37.37 9.12
CA ASN C 437 -1.24 -37.44 8.81
C ASN C 437 -1.62 -38.76 8.18
N HIS C 438 -2.76 -38.82 7.49
CA HIS C 438 -3.27 -40.03 6.87
C HIS C 438 -3.50 -39.88 5.36
N LEU C 439 -2.67 -39.10 4.69
CA LEU C 439 -2.99 -38.66 3.33
C LEU C 439 -2.98 -39.82 2.32
N ASN C 440 -4.04 -39.89 1.51
CA ASN C 440 -4.15 -40.85 0.41
C ASN C 440 -3.40 -40.31 -0.80
N GLY C 441 -3.70 -40.85 -1.98
CA GLY C 441 -3.23 -40.27 -3.22
C GLY C 441 -1.73 -40.35 -3.38
N THR C 442 -1.25 -39.74 -4.46
CA THR C 442 0.15 -39.72 -4.80
C THR C 442 0.73 -38.34 -4.48
N LEU C 443 1.98 -38.11 -4.90
CA LEU C 443 2.66 -36.87 -4.61
C LEU C 443 2.55 -35.90 -5.79
N PRO C 444 1.87 -34.77 -5.65
CA PRO C 444 1.67 -33.87 -6.79
C PRO C 444 2.94 -33.08 -7.10
N ALA C 445 3.09 -32.74 -8.39
CA ALA C 445 4.34 -32.18 -8.91
C ALA C 445 4.41 -30.65 -8.85
N GLU C 446 3.27 -29.95 -8.79
CA GLU C 446 3.26 -28.49 -8.74
C GLU C 446 4.04 -27.93 -7.57
N PHE C 447 4.53 -28.80 -6.67
CA PHE C 447 5.49 -28.43 -5.64
C PHE C 447 6.75 -27.79 -6.20
N GLY C 448 6.96 -27.84 -7.52
CA GLY C 448 8.07 -27.13 -8.11
C GLY C 448 7.90 -25.62 -8.12
N ASN C 449 6.67 -25.13 -7.93
CA ASN C 449 6.37 -23.71 -8.04
C ASN C 449 6.51 -22.96 -6.71
N LEU C 450 7.01 -23.63 -5.67
CA LEU C 450 7.25 -22.98 -4.39
C LEU C 450 8.67 -22.40 -4.41
N ARG C 451 8.81 -21.21 -4.99
CA ARG C 451 10.15 -20.67 -5.23
C ARG C 451 10.85 -20.40 -3.90
N SER C 452 10.15 -19.73 -2.99
CA SER C 452 10.68 -19.33 -1.69
C SER C 452 10.61 -20.41 -0.63
N ILE C 453 10.16 -21.63 -0.94
CA ILE C 453 9.99 -22.65 0.09
C ILE C 453 11.34 -23.00 0.70
N GLN C 454 11.34 -23.18 2.03
CA GLN C 454 12.53 -23.61 2.76
C GLN C 454 12.40 -25.01 3.34
N ILE C 455 11.20 -25.40 3.76
CA ILE C 455 11.01 -26.61 4.55
C ILE C 455 9.76 -27.32 4.05
N ILE C 456 9.93 -28.55 3.55
CA ILE C 456 8.79 -29.37 3.14
C ILE C 456 8.78 -30.66 3.97
N ASP C 457 7.63 -30.97 4.55
CA ASP C 457 7.49 -32.15 5.39
C ASP C 457 6.16 -32.83 5.11
N VAL C 458 6.21 -34.01 4.48
CA VAL C 458 5.03 -34.86 4.30
C VAL C 458 5.23 -36.22 4.95
N SER C 459 6.12 -36.30 5.93
CA SER C 459 6.51 -37.58 6.51
C SER C 459 5.33 -38.23 7.23
N PHE C 460 5.41 -39.55 7.38
CA PHE C 460 4.45 -40.33 8.16
C PHE C 460 3.05 -40.27 7.55
N ASN C 461 2.97 -40.38 6.22
CA ASN C 461 1.70 -40.44 5.52
C ASN C 461 1.63 -41.71 4.66
N PHE C 462 0.64 -41.78 3.76
CA PHE C 462 0.45 -42.93 2.89
C PHE C 462 0.67 -42.57 1.43
N LEU C 463 1.49 -41.56 1.17
CA LEU C 463 1.72 -41.11 -0.20
C LEU C 463 2.31 -42.24 -1.04
N ALA C 464 1.96 -42.25 -2.33
CA ALA C 464 2.52 -43.22 -3.26
C ALA C 464 3.03 -42.51 -4.51
N GLY C 465 3.35 -43.27 -5.56
CA GLY C 465 3.91 -42.70 -6.76
C GLY C 465 5.40 -42.39 -6.60
N VAL C 466 6.02 -41.98 -7.70
CA VAL C 466 7.46 -41.77 -7.71
C VAL C 466 7.78 -40.40 -7.11
N ILE C 467 8.97 -40.28 -6.52
CA ILE C 467 9.53 -38.99 -6.12
C ILE C 467 9.53 -38.07 -7.33
N PRO C 468 8.82 -36.94 -7.29
CA PRO C 468 8.79 -36.04 -8.45
C PRO C 468 10.17 -35.53 -8.79
N THR C 469 10.41 -35.35 -10.10
CA THR C 469 11.71 -34.93 -10.60
C THR C 469 11.91 -33.42 -10.61
N GLU C 470 10.83 -32.64 -10.46
CA GLU C 470 10.92 -31.18 -10.47
C GLU C 470 11.51 -30.61 -9.18
N LEU C 471 11.63 -31.44 -8.13
CA LEU C 471 12.03 -30.98 -6.81
C LEU C 471 13.41 -30.33 -6.77
N GLY C 472 14.20 -30.44 -7.83
CA GLY C 472 15.47 -29.74 -7.89
C GLY C 472 15.38 -28.26 -8.18
N GLN C 473 14.17 -27.76 -8.46
CA GLN C 473 14.01 -26.35 -8.80
C GLN C 473 14.11 -25.45 -7.58
N LEU C 474 13.74 -25.94 -6.40
CA LEU C 474 13.66 -25.10 -5.21
C LEU C 474 15.08 -24.81 -4.71
N GLN C 475 15.51 -23.55 -4.87
CA GLN C 475 16.82 -23.14 -4.37
C GLN C 475 16.80 -22.74 -2.91
N ASN C 476 15.64 -22.34 -2.39
CA ASN C 476 15.54 -21.86 -1.02
C ASN C 476 15.23 -22.97 -0.04
N ILE C 477 15.05 -24.20 -0.50
CA ILE C 477 14.66 -25.30 0.38
C ILE C 477 15.90 -25.85 1.08
N ASN C 478 15.87 -25.86 2.41
CA ASN C 478 16.96 -26.40 3.20
C ASN C 478 16.61 -27.72 3.88
N SER C 479 15.34 -28.11 3.89
CA SER C 479 14.94 -29.36 4.52
C SER C 479 13.86 -30.04 3.67
N LEU C 480 14.10 -31.30 3.35
CA LEU C 480 13.16 -32.09 2.56
C LEU C 480 12.97 -33.40 3.32
N ILE C 481 11.77 -33.59 3.85
CA ILE C 481 11.46 -34.73 4.72
C ILE C 481 10.28 -35.50 4.15
N LEU C 482 10.53 -36.73 3.70
CA LEU C 482 9.50 -37.59 3.13
C LEU C 482 9.49 -38.98 3.77
N ASN C 483 9.81 -39.07 5.07
CA ASN C 483 9.87 -40.36 5.75
C ASN C 483 8.53 -41.09 5.71
N ASN C 484 8.60 -42.42 5.77
CA ASN C 484 7.46 -43.29 6.06
C ASN C 484 6.30 -43.03 5.10
N ASN C 485 6.55 -43.24 3.81
CA ASN C 485 5.52 -43.22 2.80
C ASN C 485 5.70 -44.44 1.89
N LYS C 486 4.74 -44.63 0.97
CA LYS C 486 4.78 -45.73 0.03
C LYS C 486 5.42 -45.34 -1.30
N ILE C 487 6.24 -44.29 -1.30
CA ILE C 487 6.82 -43.77 -2.53
C ILE C 487 7.77 -44.79 -3.16
N HIS C 488 7.60 -45.06 -4.45
CA HIS C 488 8.46 -46.01 -5.14
C HIS C 488 9.19 -45.33 -6.29
N GLY C 489 9.70 -46.11 -7.23
CA GLY C 489 10.50 -45.57 -8.30
C GLY C 489 11.91 -45.33 -7.83
N LYS C 490 12.66 -44.59 -8.64
CA LYS C 490 14.05 -44.32 -8.32
C LYS C 490 14.22 -42.91 -7.77
N ILE C 491 15.43 -42.63 -7.29
CA ILE C 491 15.77 -41.34 -6.72
C ILE C 491 16.21 -40.42 -7.87
N PRO C 492 15.49 -39.35 -8.17
CA PRO C 492 15.90 -38.46 -9.26
C PRO C 492 17.25 -37.81 -8.97
N ASP C 493 18.07 -37.70 -10.02
CA ASP C 493 19.38 -37.06 -9.89
C ASP C 493 19.26 -35.57 -9.63
N GLN C 494 18.17 -34.96 -10.10
CA GLN C 494 17.97 -33.52 -9.98
C GLN C 494 17.92 -33.07 -8.53
N LEU C 495 17.72 -34.01 -7.59
CA LEU C 495 17.78 -33.72 -6.16
C LEU C 495 19.13 -33.17 -5.72
N THR C 496 20.12 -33.17 -6.61
CA THR C 496 21.43 -32.61 -6.29
C THR C 496 21.44 -31.08 -6.37
N ASN C 497 20.68 -30.50 -7.28
CA ASN C 497 20.71 -29.05 -7.54
C ASN C 497 20.15 -28.21 -6.40
N CYS C 498 19.66 -28.81 -5.31
CA CYS C 498 19.19 -28.03 -4.18
C CYS C 498 20.41 -27.52 -3.44
N PHE C 499 20.78 -26.27 -3.73
CA PHE C 499 21.99 -25.68 -3.14
C PHE C 499 21.86 -25.58 -1.64
N SER C 500 20.74 -25.01 -1.16
CA SER C 500 20.57 -24.74 0.25
C SER C 500 20.21 -25.98 1.06
N LEU C 501 19.93 -27.10 0.40
CA LEU C 501 19.39 -28.28 1.09
C LEU C 501 20.52 -28.96 1.83
N ALA C 502 20.59 -28.72 3.13
CA ALA C 502 21.55 -29.39 4.00
C ALA C 502 20.91 -30.38 4.95
N ASN C 503 19.59 -30.56 4.86
CA ASN C 503 18.87 -31.40 5.82
C ASN C 503 17.79 -32.18 5.07
N LEU C 504 17.96 -33.50 5.00
CA LEU C 504 17.19 -34.38 4.14
C LEU C 504 16.89 -35.67 4.88
N ASN C 505 15.73 -36.27 4.59
CA ASN C 505 15.38 -37.56 5.18
C ASN C 505 14.36 -38.24 4.28
N ILE C 506 14.76 -39.27 3.55
CA ILE C 506 13.83 -40.03 2.71
C ILE C 506 13.82 -41.51 3.08
N SER C 507 14.10 -41.82 4.34
CA SER C 507 14.17 -43.21 4.76
C SER C 507 12.77 -43.84 4.87
N PHE C 508 12.75 -45.17 4.82
CA PHE C 508 11.56 -46.00 5.04
C PHE C 508 10.57 -45.92 3.89
N ASN C 509 10.97 -46.41 2.71
CA ASN C 509 10.08 -46.48 1.55
C ASN C 509 10.43 -47.73 0.74
N ASN C 510 9.83 -47.84 -0.44
CA ASN C 510 10.20 -48.86 -1.43
C ASN C 510 11.12 -48.30 -2.50
N LEU C 511 11.85 -47.22 -2.17
CA LEU C 511 12.73 -46.55 -3.11
C LEU C 511 13.73 -47.54 -3.71
N SER C 512 13.95 -47.43 -5.02
CA SER C 512 14.87 -48.32 -5.75
C SER C 512 15.99 -47.50 -6.37
N GLY C 513 16.91 -48.20 -7.02
CA GLY C 513 17.99 -47.56 -7.74
C GLY C 513 19.24 -47.38 -6.90
N ILE C 514 20.06 -46.41 -7.31
CA ILE C 514 21.31 -46.10 -6.62
C ILE C 514 21.12 -44.83 -5.82
N ILE C 515 22.15 -44.45 -5.07
CA ILE C 515 22.22 -43.11 -4.49
C ILE C 515 23.03 -42.22 -5.43
N PRO C 516 22.39 -41.32 -6.18
CA PRO C 516 23.14 -40.47 -7.12
C PRO C 516 24.10 -39.55 -6.40
N PRO C 517 25.37 -39.57 -6.78
CA PRO C 517 26.29 -38.76 -6.00
C PRO C 517 26.94 -37.66 -6.81
N MET C 518 26.14 -36.91 -7.56
CA MET C 518 26.66 -35.82 -8.37
C MET C 518 27.46 -34.88 -7.49
N LYS C 519 26.77 -34.12 -6.69
CA LYS C 519 27.48 -33.19 -5.86
C LYS C 519 27.92 -33.93 -4.64
N ASN C 520 28.15 -33.22 -3.55
CA ASN C 520 28.55 -33.90 -2.35
C ASN C 520 27.31 -34.49 -1.71
N PHE C 521 26.85 -35.59 -2.28
CA PHE C 521 25.68 -36.24 -1.76
C PHE C 521 26.13 -37.39 -0.87
N THR C 522 27.32 -37.25 -0.30
CA THR C 522 27.86 -38.27 0.58
C THR C 522 27.66 -37.90 2.04
N ARG C 523 27.16 -36.70 2.28
CA ARG C 523 26.90 -36.26 3.63
C ARG C 523 25.56 -36.85 4.04
N PHE C 524 24.69 -37.05 3.06
CA PHE C 524 23.36 -37.59 3.31
C PHE C 524 23.23 -39.01 2.81
N SER C 525 24.29 -39.79 2.95
CA SER C 525 24.21 -41.15 2.50
C SER C 525 23.56 -42.14 3.46
N PRO C 526 24.29 -42.50 4.51
CA PRO C 526 24.01 -43.40 5.61
C PRO C 526 22.68 -43.20 6.30
N ALA C 527 22.49 -42.06 6.94
CA ALA C 527 21.27 -41.88 7.73
C ALA C 527 20.05 -41.50 6.90
N SER C 528 20.20 -40.58 5.95
CA SER C 528 19.03 -40.01 5.28
C SER C 528 18.24 -41.06 4.51
N PHE C 529 18.90 -42.10 3.99
CA PHE C 529 18.25 -43.08 3.13
C PHE C 529 18.05 -44.43 3.79
N PHE C 530 18.01 -44.51 5.12
CA PHE C 530 18.25 -45.79 5.77
C PHE C 530 17.23 -46.85 5.40
N GLY C 531 15.95 -46.53 5.45
CA GLY C 531 14.92 -47.56 5.49
C GLY C 531 14.53 -48.23 4.19
N ASN C 532 15.16 -47.85 3.08
CA ASN C 532 14.76 -48.35 1.76
C ASN C 532 15.49 -49.65 1.42
N PRO C 533 14.77 -50.72 1.09
CA PRO C 533 15.44 -52.00 0.79
C PRO C 533 16.21 -51.98 -0.51
N PHE C 534 15.63 -51.47 -1.60
CA PHE C 534 16.22 -51.61 -2.92
C PHE C 534 17.23 -50.51 -3.23
N LEU C 535 17.79 -49.86 -2.20
CA LEU C 535 18.73 -48.77 -2.39
C LEU C 535 20.16 -49.30 -2.25
N CYS C 536 21.04 -48.86 -3.14
CA CYS C 536 22.40 -49.34 -3.18
C CYS C 536 23.19 -48.64 -2.08
N GLY C 537 23.55 -49.38 -1.06
CA GLY C 537 24.24 -48.80 0.07
C GLY C 537 24.42 -49.85 1.15
N ASN C 538 25.38 -49.57 2.02
CA ASN C 538 25.77 -50.52 3.06
C ASN C 538 24.94 -50.26 4.30
N TRP C 539 23.86 -51.01 4.45
CA TRP C 539 22.98 -51.04 5.61
C TRP C 539 22.07 -52.25 5.41
N VAL C 540 21.16 -52.49 6.32
CA VAL C 540 20.36 -53.65 6.14
C VAL C 540 19.42 -53.58 4.95
N PRO D 1 -11.12 -20.96 -36.79
CA PRO D 1 -11.82 -19.73 -36.41
C PRO D 1 -11.81 -19.47 -34.90
N GLY D 2 -10.84 -18.71 -34.43
CA GLY D 2 -10.73 -18.43 -33.01
C GLY D 2 -9.32 -18.02 -32.65
N SER D 3 -9.11 -17.80 -31.35
CA SER D 3 -7.80 -17.42 -30.83
C SER D 3 -7.67 -17.90 -29.39
N SER D 4 -6.44 -17.88 -28.89
CA SER D 4 -6.09 -18.46 -27.60
C SER D 4 -4.78 -17.83 -27.12
N PRO D 5 -4.58 -17.71 -25.81
CA PRO D 5 -3.41 -16.97 -25.29
C PRO D 5 -2.17 -17.85 -25.24
N PRO D 6 -1.00 -17.27 -24.96
CA PRO D 6 0.26 -18.03 -25.04
C PRO D 6 0.64 -18.70 -23.73
N THR D 7 1.70 -19.54 -23.81
CA THR D 7 2.11 -20.47 -22.74
C THR D 7 3.64 -20.51 -22.62
N CYS D 8 4.23 -19.47 -22.03
CA CYS D 8 5.69 -19.47 -21.91
C CYS D 8 6.11 -20.22 -20.65
N LYS D 19 2.26 -18.78 -16.48
CA LYS D 19 3.38 -17.85 -16.40
C LYS D 19 3.14 -16.65 -17.31
N PRO D 20 2.09 -16.72 -18.15
CA PRO D 20 1.70 -15.70 -19.11
C PRO D 20 1.05 -14.53 -18.42
N VAL D 21 1.00 -13.35 -19.03
CA VAL D 21 0.39 -12.18 -18.41
C VAL D 21 0.12 -11.12 -19.48
N HIS D 22 -0.65 -10.07 -19.18
CA HIS D 22 -0.87 -9.06 -20.22
C HIS D 22 -0.51 -7.68 -19.69
N VAL D 23 0.25 -6.94 -20.49
CA VAL D 23 1.00 -5.77 -20.01
C VAL D 23 0.63 -4.53 -20.80
N PRO D 24 0.53 -3.38 -20.13
CA PRO D 24 0.38 -2.11 -20.85
C PRO D 24 1.73 -1.59 -21.35
N ILE D 25 1.74 -1.05 -22.56
CA ILE D 25 2.91 -0.43 -23.17
C ILE D 25 2.60 1.05 -23.40
N GLN D 26 3.36 1.93 -22.73
CA GLN D 26 3.02 3.34 -22.62
C GLN D 26 3.69 4.14 -23.73
N PRO D 27 2.94 4.72 -24.68
CA PRO D 27 3.47 5.57 -25.75
C PRO D 27 3.43 7.06 -25.38
N GLU D 34 -8.08 8.17 -22.39
CA GLU D 34 -6.99 7.37 -22.93
C GLU D 34 -6.46 6.41 -21.88
N TYR D 35 -5.98 5.26 -22.35
CA TYR D 35 -5.37 4.25 -21.49
C TYR D 35 -4.20 3.64 -22.27
N TYR D 36 -3.68 2.55 -21.76
CA TYR D 36 -2.56 1.94 -22.47
C TYR D 36 -3.02 0.70 -23.21
N PRO D 37 -2.56 0.45 -24.43
CA PRO D 37 -2.91 -0.79 -25.13
C PRO D 37 -2.09 -1.96 -24.60
N GLU D 38 -2.77 -3.07 -24.32
CA GLU D 38 -2.16 -4.20 -23.63
C GLU D 38 -1.79 -5.30 -24.61
N ALA D 39 -0.59 -5.85 -24.44
CA ALA D 39 -0.09 -6.96 -25.25
C ALA D 39 0.33 -8.12 -24.36
N TRP D 40 0.34 -9.32 -24.95
CA TRP D 40 0.66 -10.52 -24.19
C TRP D 40 2.16 -10.66 -24.00
N ARG D 41 2.58 -10.87 -22.74
CA ARG D 41 3.98 -11.12 -22.42
C ARG D 41 4.04 -12.00 -21.18
N CYS D 42 4.89 -13.03 -21.21
CA CYS D 42 4.95 -14.00 -20.13
C CYS D 42 6.09 -13.69 -19.19
N LYS D 43 5.76 -13.47 -17.91
CA LYS D 43 6.74 -13.37 -16.84
C LYS D 43 6.44 -14.44 -15.80
N CYS D 44 7.48 -15.13 -15.33
CA CYS D 44 7.32 -15.95 -14.15
C CYS D 44 7.37 -15.01 -12.94
N GLY D 45 7.58 -15.57 -11.74
CA GLY D 45 7.77 -14.71 -10.58
C GLY D 45 8.88 -13.71 -10.79
N ASN D 46 9.93 -14.11 -11.48
CA ASN D 46 11.00 -13.20 -11.86
C ASN D 46 10.47 -12.11 -12.80
N LYS D 47 10.91 -10.90 -12.53
CA LYS D 47 10.43 -9.72 -13.20
C LYS D 47 10.84 -9.60 -14.65
N LEU D 48 11.08 -10.72 -15.31
CA LEU D 48 11.47 -10.67 -16.71
C LEU D 48 10.22 -10.74 -17.60
N PHE D 49 10.40 -10.87 -18.90
CA PHE D 49 9.18 -10.89 -19.70
C PHE D 49 9.53 -11.32 -21.11
N MET D 50 8.87 -12.34 -21.67
CA MET D 50 9.15 -12.77 -23.04
C MET D 50 7.99 -13.52 -23.70
#